data_7C1X
#
_entry.id   7C1X
#
_cell.length_a   80.686
_cell.length_b   48.352
_cell.length_c   92.751
_cell.angle_alpha   90.0
_cell.angle_beta   109.144
_cell.angle_gamma   90.0
#
_symmetry.space_group_name_H-M   'P 1 21 1'
#
loop_
_entity.id
_entity.type
_entity.pdbx_description
1 polymer 'PfkB-like carbohydrate kinase family protein'
2 non-polymer 'SODIUM ION'
3 water water
#
_entity_poly.entity_id   1
_entity_poly.type   'polypeptide(L)'
_entity_poly.pdbx_seq_one_letter_code
;(MSE)EPVIIGALILDVHAKPSTTPISGTTVPGQVLFAPGGVARNVADCIFKLGITPF(MSE)IGTLGLDGPANVLLKEW
KLS(MSE)KGILRREDISTPIVSLVYDTNGEVAAGVAGVDAVENFLTPEWIQRFEYNISSARLL(MSE)VDANLSSLALE
ASCKLAAESSVPVWFEPVSVTKSQRIASIAKYVTIVSPNQDELIA(MSE)ANALCAKNLFHPFRSDENKLSIED(MSE)F
RALKPAILVLLKNGVKVVIVTLGSNGALLCSKGNPKKALNIDRKFLRSGEVFKRVQSVCSPNRFSELGSNRSPSLFA
(MSE)HFPTIPAKVKKLTGAGDCLVGGTVASLSDGLDLIQSLAVGIASAKAAVESDDNVPPEFKLDLISGDAELVYNGAK
(MSE)L(MSE)VHQS(MSE)L
;
_entity_poly.pdbx_strand_id   A,B
#
loop_
_chem_comp.id
_chem_comp.type
_chem_comp.name
_chem_comp.formula
NA non-polymer 'SODIUM ION' 'Na 1'
#
# COMPACT_ATOMS: atom_id res chain seq x y z
N MSE A 1 30.17 -15.66 -15.79
CA MSE A 1 29.30 -15.23 -16.89
C MSE A 1 27.84 -15.19 -16.44
O MSE A 1 26.95 -15.70 -17.13
CB MSE A 1 29.47 -16.17 -18.09
CG MSE A 1 30.82 -16.05 -18.78
SE MSE A 1 30.95 -17.16 -20.37
CE MSE A 1 29.29 -16.60 -21.25
N GLU A 2 27.63 -14.57 -15.30
CA GLU A 2 26.31 -14.48 -14.66
C GLU A 2 25.24 -13.93 -15.58
N PRO A 3 24.03 -14.51 -15.51
CA PRO A 3 22.89 -13.93 -16.24
C PRO A 3 22.62 -12.50 -15.77
N VAL A 4 22.34 -11.60 -16.69
CA VAL A 4 22.07 -10.21 -16.33
C VAL A 4 20.59 -9.89 -16.39
N ILE A 5 20.08 -9.38 -15.28
CA ILE A 5 18.65 -9.08 -15.14
C ILE A 5 18.42 -7.58 -15.06
N ILE A 6 17.74 -7.01 -16.05
CA ILE A 6 17.47 -5.57 -16.06
C ILE A 6 15.99 -5.29 -16.00
N GLY A 7 15.59 -4.42 -15.07
CA GLY A 7 14.18 -4.06 -14.95
C GLY A 7 13.80 -3.43 -13.62
N ALA A 8 12.54 -3.63 -13.24
CA ALA A 8 11.95 -2.92 -12.11
C ALA A 8 12.19 -3.58 -10.75
N LEU A 9 12.48 -2.73 -9.77
CA LEU A 9 12.45 -3.09 -8.36
C LEU A 9 11.28 -2.35 -7.73
N ILE A 10 10.25 -3.11 -7.32
CA ILE A 10 9.02 -2.49 -6.85
C ILE A 10 8.67 -2.92 -5.43
N LEU A 11 8.18 -1.98 -4.63
CA LEU A 11 7.57 -2.35 -3.36
C LEU A 11 6.10 -2.66 -3.63
N ASP A 12 5.74 -3.93 -3.45
CA ASP A 12 4.37 -4.37 -3.67
C ASP A 12 3.53 -4.21 -2.42
N VAL A 13 2.31 -3.71 -2.62
CA VAL A 13 1.35 -3.63 -1.53
C VAL A 13 0.20 -4.56 -1.91
N HIS A 14 0.09 -5.66 -1.18
CA HIS A 14 -0.92 -6.68 -1.46
C HIS A 14 -2.05 -6.67 -0.44
N ALA A 15 -3.26 -6.38 -0.92
CA ALA A 15 -4.44 -6.32 -0.08
C ALA A 15 -5.38 -7.49 -0.38
N LYS A 16 -5.35 -8.53 0.44
CA LYS A 16 -6.25 -9.65 0.27
C LYS A 16 -7.42 -9.53 1.23
N PRO A 17 -8.60 -9.20 0.70
CA PRO A 17 -9.74 -8.93 1.58
C PRO A 17 -10.36 -10.22 2.11
N SER A 18 -10.86 -10.16 3.34
CA SER A 18 -11.59 -11.26 3.95
C SER A 18 -12.85 -11.62 3.16
N THR A 19 -13.70 -10.63 2.93
CA THR A 19 -14.83 -10.79 2.03
C THR A 19 -14.68 -9.97 0.75
N THR A 20 -15.70 -10.06 -0.10
CA THR A 20 -15.66 -9.42 -1.41
C THR A 20 -15.57 -7.90 -1.27
N PRO A 21 -14.56 -7.31 -1.92
CA PRO A 21 -14.33 -5.85 -1.90
C PRO A 21 -15.48 -5.09 -2.54
N ILE A 22 -16.02 -4.11 -1.81
CA ILE A 22 -17.17 -3.37 -2.31
C ILE A 22 -16.80 -1.90 -2.47
N SER A 23 -17.30 -1.30 -3.55
CA SER A 23 -17.11 0.11 -3.84
C SER A 23 -17.55 1.02 -2.70
N GLY A 24 -16.84 2.13 -2.54
CA GLY A 24 -17.28 3.21 -1.68
C GLY A 24 -16.83 3.08 -0.23
N THR A 25 -16.25 1.93 0.11
CA THR A 25 -15.78 1.72 1.48
C THR A 25 -14.75 0.61 1.60
N THR A 26 -14.02 0.64 2.70
CA THR A 26 -13.05 -0.40 3.04
C THR A 26 -13.71 -1.64 3.64
N VAL A 27 -13.10 -2.80 3.39
CA VAL A 27 -13.56 -4.06 3.96
C VAL A 27 -12.39 -4.78 4.63
N PRO A 28 -12.67 -5.50 5.73
CA PRO A 28 -11.64 -6.23 6.47
C PRO A 28 -10.81 -7.17 5.59
N GLY A 29 -9.55 -7.34 5.95
CA GLY A 29 -8.65 -8.20 5.20
C GLY A 29 -7.21 -8.01 5.66
N GLN A 30 -6.26 -8.61 4.97
CA GLN A 30 -4.86 -8.42 5.32
C GLN A 30 -4.13 -7.66 4.24
N VAL A 31 -3.28 -6.72 4.66
CA VAL A 31 -2.46 -5.96 3.73
C VAL A 31 -0.99 -6.10 4.11
N LEU A 32 -0.20 -6.59 3.16
CA LEU A 32 1.22 -6.86 3.39
C LEU A 32 2.15 -6.15 2.41
N PHE A 33 3.38 -5.91 2.84
CA PHE A 33 4.43 -5.45 1.94
C PHE A 33 5.18 -6.66 1.42
N ALA A 34 5.40 -6.69 0.11
CA ALA A 34 6.16 -7.75 -0.53
C ALA A 34 7.15 -7.18 -1.54
N PRO A 35 8.43 -7.53 -1.40
CA PRO A 35 9.40 -7.17 -2.43
C PRO A 35 8.95 -7.67 -3.81
N GLY A 36 8.79 -6.76 -4.75
CA GLY A 36 8.21 -7.09 -6.04
C GLY A 36 8.97 -6.52 -7.22
N GLY A 37 8.31 -6.47 -8.37
CA GLY A 37 8.96 -6.09 -9.60
C GLY A 37 9.42 -7.34 -10.33
N VAL A 38 9.14 -7.40 -11.63
CA VAL A 38 9.44 -8.59 -12.43
C VAL A 38 10.92 -8.97 -12.36
N ALA A 39 11.79 -8.00 -12.63
CA ALA A 39 13.22 -8.25 -12.66
C ALA A 39 13.77 -8.63 -11.29
N ARG A 40 13.33 -7.92 -10.25
CA ARG A 40 13.76 -8.21 -8.89
C ARG A 40 13.35 -9.63 -8.50
N ASN A 41 12.11 -9.99 -8.83
CA ASN A 41 11.59 -11.33 -8.54
C ASN A 41 12.36 -12.42 -9.28
N VAL A 42 12.65 -12.16 -10.56
CA VAL A 42 13.40 -13.11 -11.38
C VAL A 42 14.80 -13.30 -10.82
N ALA A 43 15.45 -12.20 -10.45
CA ALA A 43 16.78 -12.23 -9.86
C ALA A 43 16.76 -13.00 -8.54
N ASP A 44 15.75 -12.72 -7.73
CA ASP A 44 15.61 -13.35 -6.41
C ASP A 44 15.38 -14.85 -6.56
N CYS A 45 14.54 -15.22 -7.54
CA CYS A 45 14.25 -16.63 -7.82
C CYS A 45 15.48 -17.38 -8.30
N ILE A 46 16.24 -16.77 -9.21
CA ILE A 46 17.43 -17.38 -9.77
C ILE A 46 18.47 -17.61 -8.66
N PHE A 47 18.58 -16.63 -7.76
CA PHE A 47 19.54 -16.69 -6.68
C PHE A 47 19.21 -17.79 -5.68
N LYS A 48 17.93 -17.92 -5.36
CA LYS A 48 17.47 -18.94 -4.43
C LYS A 48 17.58 -20.34 -5.03
N LEU A 49 17.71 -20.41 -6.35
CA LEU A 49 17.90 -21.68 -7.03
C LEU A 49 19.39 -21.99 -7.23
N GLY A 50 20.25 -21.17 -6.64
CA GLY A 50 21.68 -21.43 -6.61
C GLY A 50 22.54 -20.84 -7.72
N ILE A 51 21.97 -19.91 -8.49
CA ILE A 51 22.75 -19.21 -9.51
C ILE A 51 22.79 -17.72 -9.19
N THR A 52 23.96 -17.11 -9.27
CA THR A 52 24.10 -15.70 -8.99
C THR A 52 23.82 -14.84 -10.21
N PRO A 53 22.77 -14.01 -10.15
CA PRO A 53 22.46 -13.08 -11.23
C PRO A 53 23.05 -11.70 -10.97
N PHE A 54 23.19 -10.89 -12.02
CA PHE A 54 23.56 -9.50 -11.83
C PHE A 54 22.34 -8.61 -12.05
N MSE A 55 22.06 -7.75 -11.08
CA MSE A 55 20.88 -6.91 -11.12
C MSE A 55 21.21 -5.49 -11.57
O MSE A 55 22.08 -4.84 -11.00
CB MSE A 55 20.20 -6.88 -9.74
CG MSE A 55 18.95 -6.02 -9.70
SE MSE A 55 17.39 -6.93 -10.45
CE MSE A 55 16.69 -5.46 -11.52
N ILE A 56 20.50 -5.03 -12.59
CA ILE A 56 20.60 -3.64 -13.00
C ILE A 56 19.24 -2.97 -12.86
N GLY A 57 19.14 -2.04 -11.92
CA GLY A 57 17.89 -1.35 -11.66
C GLY A 57 18.10 0.02 -11.06
N THR A 58 17.01 0.62 -10.60
CA THR A 58 17.07 1.94 -9.98
C THR A 58 16.16 2.02 -8.75
N LEU A 59 16.65 2.66 -7.70
CA LEU A 59 15.90 2.80 -6.47
C LEU A 59 16.02 4.21 -5.91
N GLY A 60 15.13 4.55 -4.99
CA GLY A 60 15.17 5.85 -4.34
C GLY A 60 15.98 5.81 -3.06
N LEU A 61 16.09 6.96 -2.40
CA LEU A 61 16.71 7.03 -1.09
C LEU A 61 15.61 7.23 -0.06
N ASP A 62 14.57 6.40 -0.18
CA ASP A 62 13.37 6.53 0.62
C ASP A 62 13.08 5.23 1.37
N GLY A 63 11.98 5.24 2.13
CA GLY A 63 11.56 4.08 2.91
C GLY A 63 11.35 2.78 2.15
N PRO A 64 10.58 2.82 1.05
CA PRO A 64 10.34 1.61 0.25
C PRO A 64 11.62 0.94 -0.26
N ALA A 65 12.60 1.73 -0.68
CA ALA A 65 13.88 1.19 -1.11
C ALA A 65 14.56 0.46 0.05
N ASN A 66 14.36 0.97 1.26
CA ASN A 66 15.00 0.40 2.44
C ASN A 66 14.34 -0.91 2.85
N VAL A 67 13.08 -1.07 2.50
CA VAL A 67 12.39 -2.36 2.63
C VAL A 67 12.93 -3.37 1.63
N LEU A 68 13.07 -2.93 0.38
CA LEU A 68 13.51 -3.82 -0.70
C LEU A 68 14.95 -4.30 -0.50
N LEU A 69 15.78 -3.46 0.11
CA LEU A 69 17.20 -3.75 0.26
C LEU A 69 17.60 -4.32 1.63
N LYS A 70 16.65 -4.43 2.56
CA LYS A 70 16.96 -4.92 3.91
C LYS A 70 17.78 -6.20 3.92
N GLU A 71 17.27 -7.23 3.24
CA GLU A 71 17.95 -8.52 3.17
C GLU A 71 18.46 -8.78 1.76
N TRP A 72 18.91 -7.73 1.09
CA TRP A 72 19.51 -7.88 -0.23
C TRP A 72 20.96 -8.34 -0.11
N LYS A 73 21.24 -9.52 -0.63
CA LYS A 73 22.56 -10.14 -0.52
C LYS A 73 23.29 -10.25 -1.85
N LEU A 74 22.72 -9.64 -2.89
CA LEU A 74 23.40 -9.62 -4.18
C LEU A 74 24.18 -8.34 -4.32
N SER A 75 24.91 -8.20 -5.42
CA SER A 75 25.66 -6.98 -5.69
C SER A 75 24.70 -5.81 -5.89
N MSE A 76 25.14 -4.60 -5.57
CA MSE A 76 24.31 -3.41 -5.73
C MSE A 76 24.93 -2.39 -6.67
O MSE A 76 24.38 -1.30 -6.84
CB MSE A 76 24.04 -2.77 -4.37
CG MSE A 76 22.96 -3.44 -3.55
SE MSE A 76 22.58 -2.44 -1.91
CE MSE A 76 24.32 -2.64 -1.03
N LYS A 77 26.06 -2.74 -7.27
CA LYS A 77 26.77 -1.81 -8.14
C LYS A 77 25.96 -1.52 -9.41
N GLY A 78 25.07 -2.44 -9.76
CA GLY A 78 24.20 -2.24 -10.91
C GLY A 78 22.93 -1.46 -10.60
N ILE A 79 22.74 -1.13 -9.33
CA ILE A 79 21.52 -0.44 -8.90
C ILE A 79 21.75 1.07 -8.71
N LEU A 80 21.04 1.87 -9.51
CA LEU A 80 21.16 3.32 -9.48
C LEU A 80 20.31 3.95 -8.38
N ARG A 81 20.96 4.57 -7.40
CA ARG A 81 20.24 5.23 -6.32
C ARG A 81 20.53 6.72 -6.25
N ARG A 82 19.49 7.53 -6.33
CA ARG A 82 19.60 8.97 -6.13
C ARG A 82 18.36 9.49 -5.40
N GLU A 83 18.46 10.70 -4.85
CA GLU A 83 17.41 11.22 -3.98
C GLU A 83 16.19 11.77 -4.72
N ASP A 84 16.39 12.21 -5.96
CA ASP A 84 15.29 12.69 -6.79
C ASP A 84 14.35 11.54 -7.16
N ILE A 85 14.87 10.32 -7.14
CA ILE A 85 14.12 9.16 -7.59
C ILE A 85 13.18 8.64 -6.52
N SER A 86 11.92 8.41 -6.90
CA SER A 86 10.94 7.80 -6.01
C SER A 86 10.78 6.33 -6.31
N THR A 87 11.07 5.49 -5.31
CA THR A 87 11.00 4.04 -5.46
C THR A 87 9.62 3.60 -5.93
N PRO A 88 9.57 2.82 -7.02
CA PRO A 88 8.33 2.31 -7.62
C PRO A 88 7.44 1.56 -6.63
N ILE A 89 6.14 1.81 -6.69
CA ILE A 89 5.19 1.15 -5.79
C ILE A 89 3.98 0.65 -6.56
N VAL A 90 3.66 -0.63 -6.37
CA VAL A 90 2.44 -1.22 -6.93
C VAL A 90 1.46 -1.59 -5.82
N SER A 91 0.23 -1.09 -5.95
CA SER A 91 -0.80 -1.39 -4.96
C SER A 91 -1.87 -2.28 -5.59
N LEU A 92 -2.03 -3.47 -5.02
CA LEU A 92 -2.98 -4.44 -5.56
C LEU A 92 -4.08 -4.79 -4.57
N VAL A 93 -5.31 -4.77 -5.06
CA VAL A 93 -6.43 -5.27 -4.28
C VAL A 93 -6.94 -6.54 -4.93
N TYR A 94 -6.83 -7.62 -4.18
CA TYR A 94 -7.22 -8.91 -4.71
C TYR A 94 -8.68 -9.12 -4.44
N ASP A 95 -9.16 -10.20 -5.05
CA ASP A 95 -10.46 -10.77 -4.79
C ASP A 95 -10.29 -12.01 -3.91
N THR A 96 -11.36 -12.77 -3.72
CA THR A 96 -11.28 -14.01 -2.94
C THR A 96 -10.68 -15.11 -3.80
N ASN A 97 -10.75 -14.96 -5.12
CA ASN A 97 -10.06 -15.87 -6.04
C ASN A 97 -8.55 -15.93 -5.85
N GLY A 98 -7.95 -14.83 -5.40
CA GLY A 98 -6.51 -14.67 -5.40
C GLY A 98 -6.05 -13.97 -6.68
N GLU A 99 -7.03 -13.56 -7.49
CA GLU A 99 -6.78 -12.77 -8.69
C GLU A 99 -6.87 -11.29 -8.36
N VAL A 100 -6.27 -10.45 -9.19
CA VAL A 100 -6.30 -9.02 -8.97
C VAL A 100 -7.61 -8.37 -9.39
N ALA A 101 -8.30 -7.73 -8.44
CA ALA A 101 -9.52 -7.00 -8.73
C ALA A 101 -9.20 -5.59 -9.22
N ALA A 102 -8.25 -4.94 -8.55
CA ALA A 102 -7.81 -3.60 -8.92
C ALA A 102 -6.36 -3.35 -8.52
N GLY A 103 -5.57 -2.82 -9.44
CA GLY A 103 -4.16 -2.54 -9.18
C GLY A 103 -3.66 -1.22 -9.78
N VAL A 104 -2.76 -0.54 -9.06
CA VAL A 104 -2.21 0.72 -9.55
C VAL A 104 -0.67 0.79 -9.46
N ALA A 105 -0.05 1.21 -10.56
CA ALA A 105 1.40 1.43 -10.66
C ALA A 105 1.68 2.75 -11.37
N GLY A 106 2.57 3.61 -10.86
CA GLY A 106 3.38 3.34 -9.69
C GLY A 106 4.87 3.22 -9.99
N VAL A 107 5.22 3.09 -11.26
CA VAL A 107 6.58 2.71 -11.64
C VAL A 107 7.32 3.55 -12.69
N ASP A 108 7.05 4.84 -12.77
CA ASP A 108 7.64 5.61 -13.87
C ASP A 108 9.07 6.05 -13.57
N ALA A 109 9.53 5.73 -12.37
CA ALA A 109 10.93 5.91 -12.02
C ALA A 109 11.80 5.04 -12.93
N VAL A 110 11.29 3.86 -13.26
CA VAL A 110 12.01 2.92 -14.10
C VAL A 110 12.16 3.44 -15.53
N GLU A 111 11.09 3.99 -16.08
CA GLU A 111 11.11 4.45 -17.47
C GLU A 111 11.90 5.74 -17.60
N ASN A 112 11.94 6.51 -16.52
CA ASN A 112 12.64 7.80 -16.53
C ASN A 112 14.08 7.75 -16.06
N PHE A 113 14.42 6.79 -15.22
CA PHE A 113 15.76 6.81 -14.62
C PHE A 113 16.61 5.58 -14.89
N LEU A 114 16.00 4.48 -15.33
CA LEU A 114 16.78 3.34 -15.75
C LEU A 114 17.09 3.52 -17.23
N THR A 115 18.03 4.44 -17.49
CA THR A 115 18.34 4.94 -18.81
C THR A 115 19.37 4.10 -19.56
N PRO A 116 19.48 4.32 -20.89
CA PRO A 116 20.60 3.73 -21.63
C PRO A 116 21.95 4.17 -21.06
N GLU A 117 22.02 5.41 -20.59
CA GLU A 117 23.25 5.95 -20.03
C GLU A 117 23.72 5.10 -18.85
N TRP A 118 22.78 4.66 -18.01
CA TRP A 118 23.11 3.85 -16.86
C TRP A 118 23.44 2.40 -17.21
N ILE A 119 22.69 1.82 -18.14
CA ILE A 119 22.88 0.44 -18.54
C ILE A 119 24.21 0.22 -19.27
N GLN A 120 24.62 1.22 -20.05
CA GLN A 120 25.84 1.13 -20.84
C GLN A 120 27.11 1.12 -19.99
N ARG A 121 26.98 1.47 -18.72
CA ARG A 121 28.10 1.36 -17.78
C ARG A 121 28.50 -0.11 -17.61
N PHE A 122 27.56 -1.01 -17.85
CA PHE A 122 27.74 -2.43 -17.60
C PHE A 122 27.78 -3.22 -18.90
N GLU A 123 28.37 -2.63 -19.93
CA GLU A 123 28.48 -3.28 -21.23
C GLU A 123 29.26 -4.58 -21.16
N TYR A 124 30.24 -4.66 -20.26
CA TYR A 124 31.02 -5.88 -20.08
C TYR A 124 30.15 -7.01 -19.51
N ASN A 125 29.32 -6.67 -18.54
CA ASN A 125 28.46 -7.65 -17.89
C ASN A 125 27.46 -8.24 -18.88
N ILE A 126 26.84 -7.38 -19.67
CA ILE A 126 25.88 -7.82 -20.67
C ILE A 126 26.60 -8.62 -21.77
N SER A 127 27.79 -8.17 -22.15
CA SER A 127 28.55 -8.84 -23.20
C SER A 127 29.00 -10.24 -22.78
N SER A 128 29.37 -10.40 -21.52
CA SER A 128 29.88 -11.68 -21.03
C SER A 128 28.78 -12.50 -20.37
N ALA A 129 27.55 -12.01 -20.43
CA ALA A 129 26.42 -12.67 -19.79
C ALA A 129 26.03 -13.98 -20.47
N ARG A 130 25.63 -14.95 -19.65
CA ARG A 130 25.06 -16.20 -20.14
C ARG A 130 23.74 -15.93 -20.84
N LEU A 131 22.99 -14.99 -20.28
CA LEU A 131 21.67 -14.63 -20.77
C LEU A 131 21.32 -13.22 -20.30
N LEU A 132 20.57 -12.50 -21.12
CA LEU A 132 20.10 -11.17 -20.73
C LEU A 132 18.58 -11.16 -20.62
N MSE A 133 18.09 -10.76 -19.46
CA MSE A 133 16.65 -10.70 -19.24
C MSE A 133 16.22 -9.26 -18.99
O MSE A 133 16.73 -8.60 -18.07
CB MSE A 133 16.25 -11.61 -18.08
CG MSE A 133 14.76 -11.89 -18.00
SE MSE A 133 13.82 -10.60 -16.87
CE MSE A 133 12.07 -11.45 -16.85
N VAL A 134 15.29 -8.78 -19.80
CA VAL A 134 14.76 -7.43 -19.67
C VAL A 134 13.25 -7.46 -19.52
N ASP A 135 12.71 -6.65 -18.63
CA ASP A 135 11.27 -6.55 -18.50
C ASP A 135 10.77 -5.30 -19.23
N ALA A 136 9.48 -5.29 -19.56
CA ALA A 136 8.90 -4.22 -20.36
C ALA A 136 8.66 -2.93 -19.57
N ASN A 137 9.07 -2.91 -18.31
CA ASN A 137 9.01 -1.68 -17.52
C ASN A 137 10.04 -0.69 -18.04
N LEU A 138 11.07 -1.22 -18.69
CA LEU A 138 12.08 -0.38 -19.32
C LEU A 138 11.43 0.42 -20.44
N SER A 139 11.96 1.60 -20.71
CA SER A 139 11.50 2.39 -21.84
C SER A 139 11.97 1.75 -23.14
N SER A 140 11.35 2.14 -24.25
CA SER A 140 11.75 1.63 -25.56
C SER A 140 13.22 1.91 -25.81
N LEU A 141 13.69 3.07 -25.35
CA LEU A 141 15.08 3.46 -25.54
C LEU A 141 16.04 2.58 -24.73
N ALA A 142 15.70 2.33 -23.47
CA ALA A 142 16.52 1.47 -22.62
C ALA A 142 16.54 0.03 -23.14
N LEU A 143 15.40 -0.40 -23.65
CA LEU A 143 15.28 -1.74 -24.20
C LEU A 143 16.14 -1.90 -25.45
N GLU A 144 16.14 -0.88 -26.30
CA GLU A 144 16.95 -0.90 -27.51
C GLU A 144 18.43 -0.97 -27.17
N ALA A 145 18.86 -0.13 -26.23
CA ALA A 145 20.25 -0.09 -25.82
C ALA A 145 20.69 -1.43 -25.23
N SER A 146 19.85 -1.98 -24.35
CA SER A 146 20.13 -3.26 -23.70
C SER A 146 20.22 -4.40 -24.69
N CYS A 147 19.21 -4.52 -25.54
CA CYS A 147 19.11 -5.64 -26.47
C CYS A 147 20.14 -5.59 -27.58
N LYS A 148 20.64 -4.39 -27.89
CA LYS A 148 21.63 -4.26 -28.96
C LYS A 148 23.02 -4.62 -28.45
N LEU A 149 23.24 -4.45 -27.16
CA LEU A 149 24.49 -4.87 -26.54
C LEU A 149 24.62 -6.39 -26.51
N ALA A 150 23.53 -7.05 -26.15
CA ALA A 150 23.53 -8.51 -26.09
C ALA A 150 23.65 -9.14 -27.47
N ALA A 151 22.96 -8.55 -28.43
CA ALA A 151 22.99 -9.03 -29.81
C ALA A 151 24.40 -8.91 -30.40
N GLU A 152 25.08 -7.81 -30.08
CA GLU A 152 26.46 -7.59 -30.51
C GLU A 152 27.36 -8.73 -30.03
N SER A 153 27.17 -9.14 -28.78
CA SER A 153 27.97 -10.22 -28.22
C SER A 153 27.28 -11.56 -28.39
N SER A 154 26.22 -11.57 -29.19
CA SER A 154 25.42 -12.77 -29.46
C SER A 154 24.90 -13.40 -28.17
N VAL A 155 24.53 -12.57 -27.21
CA VAL A 155 23.95 -13.03 -25.96
C VAL A 155 22.42 -13.12 -26.11
N PRO A 156 21.85 -14.31 -25.82
CA PRO A 156 20.40 -14.51 -25.93
C PRO A 156 19.62 -13.57 -25.01
N VAL A 157 18.51 -13.03 -25.52
CA VAL A 157 17.72 -12.06 -24.79
C VAL A 157 16.34 -12.58 -24.40
N TRP A 158 15.98 -12.45 -23.13
CA TRP A 158 14.65 -12.79 -22.66
C TRP A 158 13.84 -11.52 -22.37
N PHE A 159 12.71 -11.38 -23.05
CA PHE A 159 11.82 -10.23 -22.87
C PHE A 159 10.52 -10.63 -22.17
N GLU A 160 10.30 -10.06 -20.98
CA GLU A 160 9.07 -10.29 -20.23
C GLU A 160 8.15 -9.10 -20.45
N PRO A 161 6.97 -9.34 -21.04
CA PRO A 161 6.02 -8.29 -21.44
C PRO A 161 5.36 -7.53 -20.28
N VAL A 162 5.40 -8.09 -19.08
CA VAL A 162 4.86 -7.45 -17.86
C VAL A 162 3.37 -7.15 -17.90
N SER A 163 2.87 -6.53 -18.97
CA SER A 163 1.45 -6.23 -19.09
C SER A 163 1.03 -6.10 -20.55
N VAL A 164 -0.27 -5.98 -20.79
CA VAL A 164 -0.79 -5.82 -22.14
C VAL A 164 -0.27 -4.55 -22.80
N THR A 165 -0.29 -3.45 -22.05
CA THR A 165 0.19 -2.17 -22.54
C THR A 165 1.70 -2.19 -22.82
N LYS A 166 2.48 -2.64 -21.85
CA LYS A 166 3.93 -2.60 -21.94
C LYS A 166 4.51 -3.67 -22.87
N SER A 167 3.70 -4.68 -23.18
CA SER A 167 4.13 -5.76 -24.07
C SER A 167 4.38 -5.26 -25.48
N GLN A 168 3.73 -4.16 -25.84
CA GLN A 168 3.81 -3.60 -27.18
C GLN A 168 5.20 -3.04 -27.47
N ARG A 169 6.00 -2.88 -26.42
CA ARG A 169 7.37 -2.41 -26.55
C ARG A 169 8.30 -3.43 -27.21
N ILE A 170 7.76 -4.61 -27.51
CA ILE A 170 8.50 -5.61 -28.28
C ILE A 170 8.70 -5.12 -29.72
N ALA A 171 7.89 -4.14 -30.12
CA ALA A 171 7.84 -3.67 -31.50
C ALA A 171 9.20 -3.23 -32.06
N SER A 172 9.96 -2.49 -31.27
CA SER A 172 11.22 -1.93 -31.74
C SER A 172 12.44 -2.83 -31.51
N ILE A 173 12.25 -3.93 -30.79
CA ILE A 173 13.39 -4.78 -30.40
C ILE A 173 13.28 -6.24 -30.81
N ALA A 174 12.19 -6.59 -31.51
CA ALA A 174 11.89 -7.99 -31.83
C ALA A 174 13.04 -8.78 -32.44
N LYS A 175 13.77 -8.16 -33.36
CA LYS A 175 14.96 -8.76 -33.97
C LYS A 175 15.96 -9.28 -32.94
N TYR A 176 16.15 -8.51 -31.86
CA TYR A 176 17.17 -8.84 -30.87
C TYR A 176 16.70 -9.85 -29.83
N VAL A 177 15.40 -10.13 -29.80
CA VAL A 177 14.84 -10.94 -28.72
C VAL A 177 14.81 -12.43 -29.09
N THR A 178 15.34 -13.25 -28.20
CA THR A 178 15.37 -14.69 -28.39
C THR A 178 14.12 -15.35 -27.80
N ILE A 179 13.79 -14.99 -26.58
CA ILE A 179 12.66 -15.59 -25.87
C ILE A 179 11.70 -14.55 -25.31
N VAL A 180 10.41 -14.77 -25.49
CA VAL A 180 9.38 -13.97 -24.85
C VAL A 180 8.47 -14.88 -24.03
N SER A 181 7.93 -14.34 -22.94
CA SER A 181 7.08 -15.14 -22.06
C SER A 181 5.75 -14.46 -21.74
N PRO A 182 4.90 -14.23 -22.76
CA PRO A 182 3.64 -13.55 -22.49
C PRO A 182 2.52 -14.49 -22.05
N ASN A 183 1.49 -13.94 -21.42
CA ASN A 183 0.23 -14.65 -21.27
C ASN A 183 -0.56 -14.47 -22.57
N GLN A 184 -1.84 -14.83 -22.60
CA GLN A 184 -2.54 -14.83 -23.88
C GLN A 184 -3.02 -13.44 -24.29
N ASP A 185 -3.20 -12.56 -23.33
CA ASP A 185 -3.51 -11.16 -23.62
C ASP A 185 -2.29 -10.41 -24.14
N GLU A 186 -1.15 -10.62 -23.48
CA GLU A 186 0.09 -9.98 -23.88
C GLU A 186 0.55 -10.47 -25.24
N LEU A 187 0.34 -11.75 -25.52
CA LEU A 187 0.68 -12.32 -26.82
C LEU A 187 -0.10 -11.62 -27.93
N ILE A 188 -1.38 -11.38 -27.67
CA ILE A 188 -2.24 -10.68 -28.62
C ILE A 188 -1.77 -9.25 -28.86
N ALA A 189 -1.48 -8.54 -27.77
CA ALA A 189 -1.03 -7.15 -27.85
C ALA A 189 0.29 -7.05 -28.60
N MSE A 190 1.19 -7.98 -28.35
CA MSE A 190 2.50 -8.01 -29.02
C MSE A 190 2.33 -8.27 -30.52
O MSE A 190 3.01 -7.64 -31.33
CB MSE A 190 3.40 -9.08 -28.40
CG MSE A 190 3.85 -8.76 -26.99
SE MSE A 190 4.71 -10.26 -26.09
CE MSE A 190 6.37 -10.27 -27.10
N ALA A 191 1.45 -9.19 -30.88
CA ALA A 191 1.17 -9.50 -32.27
C ALA A 191 0.58 -8.28 -32.98
N ASN A 192 -0.33 -7.61 -32.31
CA ASN A 192 -0.94 -6.38 -32.84
C ASN A 192 0.11 -5.28 -33.02
N ALA A 193 1.01 -5.16 -32.05
CA ALA A 193 2.05 -4.14 -32.08
C ALA A 193 3.02 -4.33 -33.24
N LEU A 194 3.34 -5.59 -33.55
CA LEU A 194 4.26 -5.89 -34.63
C LEU A 194 3.55 -5.80 -35.98
N CYS A 195 2.23 -5.93 -35.96
CA CYS A 195 1.42 -5.86 -37.16
C CYS A 195 1.05 -4.41 -37.46
N ALA A 196 1.36 -3.54 -36.51
CA ALA A 196 1.09 -2.10 -36.61
C ALA A 196 -0.41 -1.77 -36.57
N LYS A 197 -1.27 -2.80 -36.58
CA LYS A 197 -2.70 -2.59 -36.44
C LYS A 197 -3.34 -3.57 -35.46
N ASN A 198 -4.57 -3.28 -35.07
CA ASN A 198 -5.31 -4.12 -34.12
C ASN A 198 -5.99 -5.28 -34.84
N LEU A 199 -5.18 -6.26 -35.25
CA LEU A 199 -5.69 -7.38 -36.05
C LEU A 199 -6.10 -8.59 -35.23
N PHE A 200 -5.69 -8.63 -33.96
CA PHE A 200 -5.99 -9.78 -33.10
C PHE A 200 -6.68 -9.35 -31.81
N HIS A 201 -7.52 -10.23 -31.28
CA HIS A 201 -8.28 -9.92 -30.07
C HIS A 201 -8.14 -11.07 -29.07
N PRO A 202 -8.16 -10.76 -27.76
CA PRO A 202 -8.01 -11.78 -26.72
C PRO A 202 -9.15 -12.79 -26.70
N LEU A 210 -12.14 -24.63 -22.47
CA LEU A 210 -11.66 -24.97 -23.81
C LEU A 210 -10.45 -25.89 -23.76
N SER A 211 -10.20 -26.58 -24.87
CA SER A 211 -9.08 -27.52 -24.93
C SER A 211 -7.79 -26.84 -25.33
N ILE A 212 -6.68 -27.57 -25.21
CA ILE A 212 -5.35 -27.03 -25.50
C ILE A 212 -5.19 -26.86 -27.01
N GLU A 213 -5.77 -27.76 -27.79
CA GLU A 213 -5.66 -27.67 -29.24
C GLU A 213 -6.55 -26.57 -29.81
N ASP A 214 -7.60 -26.22 -29.08
CA ASP A 214 -8.42 -25.06 -29.45
C ASP A 214 -7.66 -23.78 -29.17
N MSE A 215 -7.12 -23.68 -27.96
CA MSE A 215 -6.39 -22.49 -27.54
C MSE A 215 -5.17 -22.24 -28.42
O MSE A 215 -4.89 -21.11 -28.79
CB MSE A 215 -5.97 -22.61 -26.07
CG MSE A 215 -7.07 -22.25 -25.08
SE MSE A 215 -6.50 -22.40 -23.22
CE MSE A 215 -6.86 -24.29 -22.94
N PHE A 216 -4.46 -23.31 -28.76
CA PHE A 216 -3.27 -23.19 -29.59
C PHE A 216 -3.62 -22.77 -31.00
N ARG A 217 -4.69 -23.34 -31.54
CA ARG A 217 -5.13 -23.03 -32.90
C ARG A 217 -5.63 -21.58 -32.98
N ALA A 218 -6.11 -21.07 -31.85
CA ALA A 218 -6.58 -19.70 -31.76
C ALA A 218 -5.41 -18.71 -31.66
N LEU A 219 -4.31 -19.17 -31.09
CA LEU A 219 -3.15 -18.30 -30.85
C LEU A 219 -2.07 -18.44 -31.92
N LYS A 220 -2.15 -19.49 -32.72
CA LYS A 220 -1.14 -19.78 -33.73
C LYS A 220 -0.83 -18.64 -34.71
N PRO A 221 -1.86 -17.94 -35.22
CA PRO A 221 -1.53 -16.80 -36.11
C PRO A 221 -0.72 -15.73 -35.38
N ALA A 222 -1.12 -15.40 -34.15
CA ALA A 222 -0.44 -14.40 -33.35
C ALA A 222 0.99 -14.83 -33.03
N ILE A 223 1.18 -16.13 -32.76
CA ILE A 223 2.50 -16.68 -32.47
C ILE A 223 3.41 -16.55 -33.69
N LEU A 224 2.86 -16.81 -34.87
CA LEU A 224 3.63 -16.74 -36.11
C LEU A 224 4.13 -15.32 -36.36
N VAL A 225 3.31 -14.33 -36.02
CA VAL A 225 3.70 -12.93 -36.16
C VAL A 225 5.01 -12.63 -35.45
N LEU A 226 5.09 -13.07 -34.19
CA LEU A 226 6.28 -12.86 -33.38
C LEU A 226 7.50 -13.61 -33.92
N LEU A 227 7.27 -14.85 -34.35
CA LEU A 227 8.35 -15.68 -34.87
C LEU A 227 8.93 -15.08 -36.15
N LYS A 228 8.05 -14.63 -37.04
CA LYS A 228 8.48 -14.04 -38.29
C LYS A 228 9.22 -12.72 -38.09
N ASN A 229 8.96 -12.04 -36.97
CA ASN A 229 9.61 -10.76 -36.69
C ASN A 229 10.95 -10.95 -35.96
N GLY A 230 11.40 -12.19 -35.86
CA GLY A 230 12.74 -12.47 -35.36
C GLY A 230 12.82 -13.15 -34.01
N VAL A 231 11.70 -13.24 -33.31
CA VAL A 231 11.66 -13.95 -32.05
C VAL A 231 11.82 -15.45 -32.33
N LYS A 232 12.69 -16.11 -31.57
CA LYS A 232 12.94 -17.53 -31.79
C LYS A 232 12.04 -18.41 -30.93
N VAL A 233 11.77 -17.97 -29.70
CA VAL A 233 10.98 -18.78 -28.78
C VAL A 233 9.86 -17.98 -28.12
N VAL A 234 8.64 -18.47 -28.25
CA VAL A 234 7.48 -17.86 -27.59
C VAL A 234 6.90 -18.81 -26.55
N ILE A 235 6.98 -18.41 -25.28
CA ILE A 235 6.37 -19.20 -24.22
C ILE A 235 5.10 -18.51 -23.73
N VAL A 236 3.96 -19.13 -24.03
CA VAL A 236 2.68 -18.57 -23.62
C VAL A 236 2.20 -19.21 -22.32
N THR A 237 2.19 -18.43 -21.25
CA THR A 237 1.73 -18.93 -19.95
C THR A 237 0.21 -18.93 -19.90
N LEU A 238 -0.36 -20.09 -19.60
CA LEU A 238 -1.81 -20.25 -19.63
C LEU A 238 -2.38 -20.44 -18.23
N GLY A 239 -1.62 -20.02 -17.23
CA GLY A 239 -2.07 -20.15 -15.85
C GLY A 239 -2.26 -21.58 -15.42
N SER A 240 -3.49 -21.94 -15.07
CA SER A 240 -3.80 -23.26 -14.52
C SER A 240 -3.82 -24.37 -15.57
N ASN A 241 -3.72 -24.01 -16.85
CA ASN A 241 -3.61 -25.03 -17.89
C ASN A 241 -2.21 -25.04 -18.49
N GLY A 242 -1.24 -24.59 -17.69
CA GLY A 242 0.16 -24.72 -18.02
C GLY A 242 0.73 -23.67 -18.95
N ALA A 243 1.56 -24.13 -19.89
CA ALA A 243 2.25 -23.23 -20.80
C ALA A 243 2.45 -23.85 -22.19
N LEU A 244 2.54 -22.98 -23.20
CA LEU A 244 2.87 -23.38 -24.56
C LEU A 244 4.30 -23.00 -24.88
N LEU A 245 5.06 -23.94 -25.41
CA LEU A 245 6.42 -23.65 -25.83
C LEU A 245 6.47 -23.71 -27.35
N CYS A 246 6.57 -22.54 -27.96
CA CYS A 246 6.63 -22.45 -29.41
C CYS A 246 7.94 -21.83 -29.85
N SER A 247 8.57 -22.43 -30.85
CA SER A 247 9.85 -21.94 -31.31
C SER A 247 10.02 -22.08 -32.81
N LYS A 248 10.87 -21.23 -33.37
CA LYS A 248 11.29 -21.35 -34.76
C LYS A 248 12.50 -22.28 -34.82
N GLY A 249 12.30 -23.46 -35.38
CA GLY A 249 13.32 -24.49 -35.40
C GLY A 249 13.24 -25.34 -34.16
N ASN A 250 14.10 -26.35 -34.07
CA ASN A 250 14.18 -27.21 -32.89
C ASN A 250 14.41 -26.34 -31.66
N PRO A 251 13.62 -26.57 -30.58
CA PRO A 251 13.72 -25.78 -29.35
C PRO A 251 15.09 -25.82 -28.69
N LYS A 252 15.88 -26.85 -28.99
CA LYS A 252 17.21 -26.99 -28.39
C LYS A 252 18.22 -26.16 -29.17
N LYS A 253 17.92 -25.93 -30.45
CA LYS A 253 18.79 -25.18 -31.33
C LYS A 253 18.55 -23.68 -31.26
N ALA A 254 17.42 -23.30 -30.67
CA ALA A 254 17.04 -21.89 -30.58
C ALA A 254 18.11 -21.07 -29.85
N LEU A 255 18.50 -21.55 -28.67
CA LEU A 255 19.53 -20.87 -27.90
C LEU A 255 20.93 -21.20 -28.42
N VAL A 267 23.34 -28.49 -8.63
CA VAL A 267 22.08 -27.82 -8.40
C VAL A 267 20.98 -28.40 -9.28
N PHE A 268 21.31 -28.67 -10.54
CA PHE A 268 20.32 -29.21 -11.47
C PHE A 268 20.74 -30.49 -12.18
N LYS A 269 21.61 -31.28 -11.56
CA LYS A 269 22.07 -32.50 -12.22
C LYS A 269 21.06 -33.60 -11.91
N ARG A 270 20.19 -33.30 -10.94
CA ARG A 270 19.04 -34.14 -10.64
C ARG A 270 18.06 -34.07 -11.81
N VAL A 271 17.75 -32.84 -12.24
CA VAL A 271 16.81 -32.63 -13.33
C VAL A 271 17.34 -33.24 -14.62
N GLN A 272 18.63 -33.08 -14.87
CA GLN A 272 19.26 -33.65 -16.06
C GLN A 272 19.14 -35.18 -16.06
N SER A 273 19.31 -35.78 -14.88
CA SER A 273 19.17 -37.23 -14.74
C SER A 273 17.78 -37.75 -15.07
N VAL A 274 16.76 -37.15 -14.47
CA VAL A 274 15.40 -37.68 -14.56
C VAL A 274 14.63 -37.15 -15.76
N CYS A 275 14.94 -35.92 -16.18
CA CYS A 275 14.31 -35.36 -17.36
C CYS A 275 15.25 -35.57 -18.54
N SER A 276 15.25 -36.78 -19.06
CA SER A 276 16.15 -37.19 -20.14
C SER A 276 16.01 -36.30 -21.37
N PRO A 277 17.15 -35.91 -21.93
CA PRO A 277 17.12 -35.12 -23.17
C PRO A 277 16.80 -36.01 -24.37
N ASN A 278 16.76 -37.32 -24.12
CA ASN A 278 16.46 -38.30 -25.16
C ASN A 278 15.00 -38.75 -25.11
N ARG A 279 14.21 -38.09 -24.27
CA ARG A 279 12.80 -38.42 -24.12
C ARG A 279 11.99 -38.18 -25.40
N PHE A 280 12.28 -37.08 -26.09
CA PHE A 280 11.49 -36.70 -27.25
C PHE A 280 12.24 -36.99 -28.54
N SER A 281 11.74 -37.98 -29.27
CA SER A 281 12.38 -38.46 -30.50
C SER A 281 12.40 -37.38 -31.60
N GLU A 282 11.37 -36.55 -31.66
CA GLU A 282 11.36 -35.40 -32.56
C GLU A 282 11.86 -34.18 -31.78
N ARG A 287 14.03 -32.65 -39.32
CA ARG A 287 14.31 -32.59 -37.89
C ARG A 287 14.38 -31.15 -37.40
N SER A 288 13.67 -30.26 -38.09
CA SER A 288 13.74 -28.84 -37.78
C SER A 288 12.61 -28.04 -38.43
N PRO A 289 11.48 -27.89 -37.71
CA PRO A 289 10.29 -27.23 -38.26
C PRO A 289 10.35 -25.70 -38.24
N SER A 290 9.52 -25.06 -39.05
CA SER A 290 9.38 -23.61 -39.04
C SER A 290 8.75 -23.18 -37.72
N LEU A 291 7.70 -23.89 -37.33
CA LEU A 291 7.02 -23.64 -36.08
C LEU A 291 6.98 -24.94 -35.27
N PHE A 292 7.53 -24.90 -34.07
CA PHE A 292 7.53 -26.07 -33.20
C PHE A 292 6.60 -25.75 -32.04
N ALA A 293 5.71 -26.69 -31.69
CA ALA A 293 4.76 -26.44 -30.61
C ALA A 293 4.57 -27.64 -29.70
N MSE A 294 4.66 -27.41 -28.40
CA MSE A 294 4.34 -28.45 -27.43
C MSE A 294 3.76 -27.83 -26.15
O MSE A 294 4.11 -26.71 -25.78
CB MSE A 294 5.57 -29.30 -27.10
CG MSE A 294 6.51 -28.71 -26.06
SE MSE A 294 8.04 -29.88 -25.77
CE MSE A 294 7.10 -31.58 -25.68
N HIS A 295 2.85 -28.55 -25.51
CA HIS A 295 2.16 -28.04 -24.33
C HIS A 295 2.73 -28.63 -23.04
N PHE A 296 2.96 -27.76 -22.07
CA PHE A 296 3.41 -28.17 -20.74
C PHE A 296 2.29 -28.02 -19.73
N PRO A 297 1.92 -29.11 -19.05
CA PRO A 297 0.89 -28.99 -18.02
C PRO A 297 1.48 -28.41 -16.74
N THR A 298 0.65 -27.74 -15.94
CA THR A 298 1.08 -27.28 -14.63
C THR A 298 0.65 -28.30 -13.58
N ILE A 299 1.11 -28.10 -12.35
CA ILE A 299 0.75 -28.99 -11.26
C ILE A 299 -0.24 -28.31 -10.31
N PRO A 300 -1.31 -29.03 -9.93
CA PRO A 300 -2.29 -28.54 -8.96
C PRO A 300 -1.64 -28.04 -7.68
N ALA A 301 -2.08 -26.89 -7.18
CA ALA A 301 -1.42 -26.28 -6.02
C ALA A 301 -2.38 -25.53 -5.10
N LYS A 302 -1.96 -25.34 -3.85
CA LYS A 302 -2.71 -24.58 -2.86
C LYS A 302 -2.35 -23.10 -2.94
N VAL A 303 -3.09 -22.37 -3.77
CA VAL A 303 -2.85 -20.95 -4.00
C VAL A 303 -3.14 -20.06 -2.80
N LYS A 304 -2.19 -19.18 -2.49
CA LYS A 304 -2.38 -18.15 -1.48
C LYS A 304 -2.34 -16.79 -2.17
N LYS A 305 -1.61 -16.72 -3.28
CA LYS A 305 -1.48 -15.52 -4.08
C LYS A 305 -0.84 -15.85 -5.43
N LEU A 306 -1.50 -15.47 -6.53
CA LEU A 306 -0.99 -15.84 -7.85
C LEU A 306 0.10 -14.89 -8.38
N THR A 307 0.19 -13.71 -7.77
CA THR A 307 1.26 -12.76 -8.07
C THR A 307 2.64 -13.39 -7.95
N GLY A 308 3.46 -13.23 -9.00
CA GLY A 308 4.84 -13.68 -8.95
C GLY A 308 5.04 -15.05 -9.57
N ALA A 309 3.94 -15.66 -10.01
CA ALA A 309 3.99 -16.98 -10.63
C ALA A 309 4.77 -16.93 -11.94
N GLY A 310 4.42 -15.97 -12.78
CA GLY A 310 5.07 -15.78 -14.07
C GLY A 310 6.55 -15.44 -13.91
N ASP A 311 6.86 -14.59 -12.94
CA ASP A 311 8.23 -14.18 -12.69
C ASP A 311 9.10 -15.36 -12.28
N CYS A 312 8.54 -16.23 -11.46
CA CYS A 312 9.27 -17.42 -11.01
C CYS A 312 9.39 -18.47 -12.10
N LEU A 313 8.47 -18.44 -13.06
CA LEU A 313 8.59 -19.29 -14.24
C LEU A 313 9.82 -18.87 -15.04
N VAL A 314 9.98 -17.56 -15.21
CA VAL A 314 11.11 -17.02 -15.93
C VAL A 314 12.41 -17.28 -15.17
N GLY A 315 12.39 -16.98 -13.86
CA GLY A 315 13.54 -17.19 -13.01
C GLY A 315 13.98 -18.64 -13.00
N GLY A 316 13.02 -19.54 -12.85
CA GLY A 316 13.29 -20.97 -12.83
C GLY A 316 13.88 -21.44 -14.14
N THR A 317 13.35 -20.91 -15.25
CA THR A 317 13.83 -21.27 -16.58
C THR A 317 15.23 -20.73 -16.87
N VAL A 318 15.46 -19.46 -16.53
CA VAL A 318 16.75 -18.83 -16.78
C VAL A 318 17.86 -19.51 -15.99
N ALA A 319 17.57 -19.83 -14.73
CA ALA A 319 18.53 -20.50 -13.85
C ALA A 319 18.96 -21.85 -14.42
N SER A 320 18.01 -22.60 -14.94
CA SER A 320 18.30 -23.91 -15.53
C SER A 320 19.11 -23.78 -16.81
N LEU A 321 18.74 -22.81 -17.64
CA LEU A 321 19.47 -22.55 -18.88
C LEU A 321 20.89 -22.09 -18.55
N SER A 322 21.02 -21.33 -17.47
CA SER A 322 22.31 -20.83 -17.01
C SER A 322 23.15 -21.96 -16.43
N ASP A 323 22.49 -23.06 -16.07
CA ASP A 323 23.19 -24.21 -15.50
C ASP A 323 23.42 -25.30 -16.55
N GLY A 324 23.13 -24.99 -17.81
CA GLY A 324 23.49 -25.86 -18.91
C GLY A 324 22.40 -26.78 -19.42
N LEU A 325 21.20 -26.70 -18.84
CA LEU A 325 20.09 -27.52 -19.30
C LEU A 325 19.48 -26.95 -20.58
N ASP A 326 18.74 -27.78 -21.31
CA ASP A 326 18.07 -27.31 -22.51
C ASP A 326 16.75 -26.62 -22.16
N LEU A 327 16.11 -26.03 -23.16
CA LEU A 327 14.91 -25.22 -22.95
C LEU A 327 13.72 -26.04 -22.41
N ILE A 328 13.59 -27.27 -22.89
CA ILE A 328 12.49 -28.13 -22.47
C ILE A 328 12.64 -28.52 -20.99
N GLN A 329 13.86 -28.85 -20.60
CA GLN A 329 14.15 -29.16 -19.20
C GLN A 329 13.97 -27.92 -18.33
N SER A 330 14.47 -26.79 -18.82
CA SER A 330 14.43 -25.53 -18.10
C SER A 330 13.00 -25.05 -17.85
N LEU A 331 12.14 -25.21 -18.85
CA LEU A 331 10.76 -24.77 -18.73
C LEU A 331 10.02 -25.56 -17.66
N ALA A 332 10.30 -26.86 -17.60
CA ALA A 332 9.71 -27.73 -16.58
C ALA A 332 10.10 -27.25 -15.18
N VAL A 333 11.36 -26.87 -15.03
CA VAL A 333 11.85 -26.29 -13.78
C VAL A 333 11.14 -24.97 -13.49
N GLY A 334 10.91 -24.18 -14.54
CA GLY A 334 10.23 -22.90 -14.40
C GLY A 334 8.80 -23.07 -13.92
N ILE A 335 8.11 -24.04 -14.49
CA ILE A 335 6.74 -24.34 -14.11
C ILE A 335 6.67 -24.90 -12.70
N ALA A 336 7.69 -25.68 -12.33
CA ALA A 336 7.83 -26.16 -10.97
C ALA A 336 7.98 -24.99 -10.00
N SER A 337 8.84 -24.03 -10.36
CA SER A 337 9.08 -22.86 -9.53
C SER A 337 7.85 -21.97 -9.43
N ALA A 338 7.08 -21.90 -10.50
CA ALA A 338 5.85 -21.11 -10.51
C ALA A 338 4.84 -21.65 -9.51
N LYS A 339 4.76 -22.98 -9.41
CA LYS A 339 3.84 -23.62 -8.47
C LYS A 339 4.24 -23.29 -7.03
N ALA A 340 5.54 -23.33 -6.74
CA ALA A 340 6.06 -23.01 -5.42
C ALA A 340 5.75 -21.57 -5.03
N ALA A 341 5.71 -20.71 -6.04
CA ALA A 341 5.49 -19.28 -5.84
C ALA A 341 4.04 -18.92 -5.48
N VAL A 342 3.09 -19.63 -6.08
CA VAL A 342 1.68 -19.35 -5.84
C VAL A 342 1.27 -19.83 -4.45
N GLU A 343 2.05 -20.75 -3.89
CA GLU A 343 1.78 -21.31 -2.59
C GLU A 343 2.44 -20.51 -1.46
N SER A 344 3.02 -19.37 -1.79
CA SER A 344 3.61 -18.47 -0.79
C SER A 344 2.84 -17.18 -0.65
N ASP A 345 3.17 -16.38 0.36
CA ASP A 345 2.64 -15.02 0.45
C ASP A 345 3.71 -14.02 0.04
N ASP A 346 4.82 -14.54 -0.49
CA ASP A 346 5.76 -13.71 -1.23
C ASP A 346 5.60 -13.97 -2.72
N ASN A 347 6.08 -13.03 -3.53
CA ASN A 347 6.12 -13.21 -4.96
C ASN A 347 7.07 -14.36 -5.26
N VAL A 348 8.21 -14.35 -4.57
CA VAL A 348 9.18 -15.44 -4.63
C VAL A 348 9.32 -16.05 -3.23
N PRO A 349 9.15 -17.38 -3.13
CA PRO A 349 9.21 -18.08 -1.83
C PRO A 349 10.54 -17.84 -1.10
N PRO A 350 10.50 -17.85 0.24
CA PRO A 350 11.67 -17.60 1.09
C PRO A 350 12.83 -18.54 0.76
N GLU A 351 12.49 -19.77 0.37
CA GLU A 351 13.49 -20.73 -0.08
C GLU A 351 12.87 -21.71 -1.07
N PHE A 352 13.73 -22.38 -1.83
CA PHE A 352 13.30 -23.43 -2.74
C PHE A 352 13.75 -24.79 -2.23
N LYS A 353 12.84 -25.76 -2.23
CA LYS A 353 13.19 -27.13 -1.90
C LYS A 353 13.52 -27.91 -3.17
N LEU A 354 14.80 -28.17 -3.39
CA LEU A 354 15.28 -28.77 -4.62
C LEU A 354 14.62 -30.11 -4.96
N ASP A 355 14.37 -30.93 -3.94
CA ASP A 355 13.73 -32.21 -4.18
C ASP A 355 12.29 -32.00 -4.66
N LEU A 356 11.62 -31.00 -4.10
CA LEU A 356 10.27 -30.66 -4.55
C LEU A 356 10.33 -30.09 -5.96
N ILE A 357 11.31 -29.23 -6.22
CA ILE A 357 11.49 -28.63 -7.53
C ILE A 357 11.76 -29.69 -8.58
N SER A 358 12.63 -30.64 -8.25
CA SER A 358 12.99 -31.71 -9.17
C SER A 358 11.81 -32.65 -9.44
N GLY A 359 11.08 -33.01 -8.38
CA GLY A 359 9.95 -33.91 -8.51
C GLY A 359 8.84 -33.34 -9.38
N ASP A 360 8.49 -32.08 -9.11
CA ASP A 360 7.48 -31.37 -9.87
C ASP A 360 7.88 -31.17 -11.32
N ALA A 361 9.17 -30.89 -11.53
CA ALA A 361 9.70 -30.68 -12.86
C ALA A 361 9.56 -31.95 -13.69
N GLU A 362 9.81 -33.09 -13.07
CA GLU A 362 9.72 -34.37 -13.77
C GLU A 362 8.27 -34.67 -14.14
N LEU A 363 7.35 -34.34 -13.24
CA LEU A 363 5.93 -34.51 -13.49
C LEU A 363 5.49 -33.69 -14.70
N VAL A 364 5.89 -32.43 -14.72
CA VAL A 364 5.61 -31.54 -15.85
C VAL A 364 6.29 -32.03 -17.12
N TYR A 365 7.56 -32.37 -17.00
CA TYR A 365 8.37 -32.82 -18.14
C TYR A 365 7.79 -34.07 -18.79
N ASN A 366 7.48 -35.07 -17.97
CA ASN A 366 6.91 -36.31 -18.48
C ASN A 366 5.50 -36.10 -19.03
N GLY A 367 4.84 -35.05 -18.57
CA GLY A 367 3.50 -34.74 -19.01
C GLY A 367 3.42 -33.83 -20.22
N ALA A 368 4.57 -33.33 -20.67
CA ALA A 368 4.60 -32.45 -21.82
C ALA A 368 4.24 -33.22 -23.09
N LYS A 369 3.37 -32.63 -23.90
CA LYS A 369 2.88 -33.27 -25.11
C LYS A 369 3.08 -32.34 -26.29
N MSE A 370 3.25 -32.90 -27.48
CA MSE A 370 3.48 -32.08 -28.67
C MSE A 370 2.19 -31.76 -29.41
O MSE A 370 1.25 -32.56 -29.42
CB MSE A 370 4.47 -32.77 -29.61
CG MSE A 370 5.91 -32.69 -29.13
SE MSE A 370 7.16 -33.63 -30.30
CE MSE A 370 8.82 -32.88 -29.61
N LEU A 371 2.16 -30.59 -30.03
CA LEU A 371 0.98 -30.13 -30.76
C LEU A 371 1.20 -30.29 -32.27
N MSE A 372 0.10 -30.22 -33.02
CA MSE A 372 0.12 -30.47 -34.47
C MSE A 372 0.66 -31.87 -34.78
O MSE A 372 0.00 -32.87 -34.52
CB MSE A 372 0.94 -29.41 -35.20
CG MSE A 372 0.49 -27.98 -34.92
SE MSE A 372 1.50 -26.67 -35.96
CE MSE A 372 3.28 -27.01 -35.26
N SER A 376 0.45 -31.25 -40.40
CA SER A 376 1.78 -31.61 -40.89
C SER A 376 2.30 -30.59 -41.90
N MSE A 377 1.64 -29.43 -41.96
CA MSE A 377 2.07 -28.37 -42.86
C MSE A 377 1.59 -27.00 -42.39
O MSE A 377 0.40 -26.79 -42.16
CB MSE A 377 1.57 -28.66 -44.28
CG MSE A 377 2.72 -28.95 -45.26
SE MSE A 377 2.15 -29.15 -47.11
CE MSE A 377 0.44 -28.23 -47.04
N LEU A 378 2.54 -26.09 -42.26
CA LEU A 378 2.27 -24.73 -41.77
C LEU A 378 1.38 -23.96 -42.74
N MSE B 1 1.90 16.63 33.42
CA MSE B 1 2.61 17.27 32.33
C MSE B 1 2.03 16.85 30.97
O MSE B 1 0.84 17.04 30.72
CB MSE B 1 4.10 16.95 32.39
CG MSE B 1 5.00 17.93 31.62
SE MSE B 1 6.85 17.30 31.50
CE MSE B 1 7.42 18.32 29.95
N GLU B 2 2.88 16.25 30.13
CA GLU B 2 2.55 15.98 28.73
C GLU B 2 1.23 15.26 28.50
N PRO B 3 0.47 15.70 27.49
CA PRO B 3 -0.75 15.02 27.05
C PRO B 3 -0.44 13.61 26.55
N VAL B 4 -1.29 12.65 26.93
CA VAL B 4 -1.08 11.27 26.52
C VAL B 4 -2.04 10.88 25.39
N ILE B 5 -1.46 10.38 24.30
CA ILE B 5 -2.22 10.01 23.12
C ILE B 5 -2.21 8.50 22.94
N ILE B 6 -3.39 7.88 23.04
CA ILE B 6 -3.49 6.43 22.90
C ILE B 6 -4.40 6.06 21.73
N GLY B 7 -3.92 5.17 20.86
CA GLY B 7 -4.72 4.73 19.73
C GLY B 7 -3.94 4.11 18.59
N ALA B 8 -4.48 4.24 17.39
CA ALA B 8 -3.97 3.54 16.23
C ALA B 8 -2.85 4.29 15.51
N LEU B 9 -1.82 3.55 15.09
CA LEU B 9 -0.84 4.04 14.15
C LEU B 9 -1.04 3.27 12.85
N ILE B 10 -1.50 3.95 11.81
CA ILE B 10 -1.87 3.25 10.58
C ILE B 10 -1.09 3.79 9.38
N LEU B 11 -0.64 2.89 8.53
CA LEU B 11 -0.11 3.30 7.24
C LEU B 11 -1.22 3.36 6.21
N ASP B 12 -1.49 4.57 5.73
CA ASP B 12 -2.51 4.75 4.70
C ASP B 12 -1.88 4.58 3.34
N VAL B 13 -2.52 3.79 2.48
CA VAL B 13 -2.07 3.64 1.10
C VAL B 13 -3.13 4.11 0.13
N HIS B 14 -2.85 5.22 -0.56
CA HIS B 14 -3.81 5.78 -1.50
C HIS B 14 -3.36 5.52 -2.94
N ALA B 15 -4.15 4.76 -3.68
CA ALA B 15 -3.82 4.44 -5.06
C ALA B 15 -4.77 5.17 -6.01
N LYS B 16 -4.29 6.30 -6.51
CA LYS B 16 -5.06 7.11 -7.45
C LYS B 16 -4.55 6.89 -8.87
N PRO B 17 -5.32 6.17 -9.69
CA PRO B 17 -4.94 5.71 -11.03
C PRO B 17 -4.96 6.80 -12.10
N SER B 18 -4.13 6.64 -13.13
CA SER B 18 -4.18 7.54 -14.28
C SER B 18 -5.59 7.46 -14.85
N THR B 19 -6.01 6.23 -15.17
CA THR B 19 -7.40 5.83 -15.46
C THR B 19 -7.41 4.48 -16.16
N THR B 20 -8.61 4.04 -16.52
CA THR B 20 -8.90 2.73 -17.09
C THR B 20 -8.70 1.61 -16.06
N PRO B 21 -9.37 1.70 -14.89
CA PRO B 21 -9.16 0.60 -13.94
C PRO B 21 -9.72 -0.72 -14.44
N ILE B 22 -8.87 -1.72 -14.63
CA ILE B 22 -9.34 -3.01 -15.13
C ILE B 22 -8.90 -4.20 -14.26
N SER B 23 -9.81 -5.15 -14.11
CA SER B 23 -9.54 -6.42 -13.43
C SER B 23 -8.36 -7.18 -14.03
N GLY B 24 -7.64 -7.90 -13.18
CA GLY B 24 -6.67 -8.88 -13.66
C GLY B 24 -5.28 -8.36 -13.93
N THR B 25 -5.10 -7.05 -13.82
CA THR B 25 -3.80 -6.44 -14.09
C THR B 25 -3.63 -5.08 -13.45
N THR B 26 -2.38 -4.65 -13.35
CA THR B 26 -2.05 -3.33 -12.83
C THR B 26 -2.34 -2.25 -13.85
N VAL B 27 -2.74 -1.08 -13.38
CA VAL B 27 -3.00 0.05 -14.27
C VAL B 27 -2.25 1.29 -13.83
N PRO B 28 -1.77 2.09 -14.79
CA PRO B 28 -0.97 3.29 -14.51
C PRO B 28 -1.63 4.27 -13.53
N GLY B 29 -0.82 4.90 -12.70
CA GLY B 29 -1.30 5.84 -11.71
C GLY B 29 -0.25 6.19 -10.67
N GLN B 30 -0.67 6.92 -9.63
CA GLN B 30 0.21 7.26 -8.54
C GLN B 30 -0.22 6.59 -7.24
N VAL B 31 0.74 6.11 -6.48
CA VAL B 31 0.47 5.48 -5.18
C VAL B 31 1.23 6.21 -4.09
N LEU B 32 0.53 6.66 -3.06
CA LEU B 32 1.19 7.42 -2.01
C LEU B 32 1.05 6.73 -0.66
N PHE B 33 2.08 6.87 0.16
CA PHE B 33 2.06 6.43 1.54
C PHE B 33 1.79 7.64 2.44
N ALA B 34 0.86 7.50 3.38
CA ALA B 34 0.62 8.57 4.33
C ALA B 34 0.51 8.02 5.75
N PRO B 35 1.36 8.53 6.65
CA PRO B 35 1.25 8.20 8.08
C PRO B 35 -0.13 8.57 8.60
N GLY B 36 -0.84 7.58 9.14
CA GLY B 36 -2.23 7.79 9.53
C GLY B 36 -2.57 7.21 10.88
N GLY B 37 -3.87 7.06 11.12
CA GLY B 37 -4.37 6.67 12.43
C GLY B 37 -4.72 7.94 13.17
N VAL B 38 -5.90 7.97 13.78
CA VAL B 38 -6.38 9.16 14.46
C VAL B 38 -5.40 9.63 15.52
N ALA B 39 -4.99 8.72 16.39
CA ALA B 39 -4.10 9.05 17.50
C ALA B 39 -2.74 9.51 17.00
N ARG B 40 -2.19 8.81 16.01
CA ARG B 40 -0.91 9.19 15.44
C ARG B 40 -1.00 10.58 14.81
N ASN B 41 -2.09 10.83 14.09
CA ASN B 41 -2.32 12.13 13.47
C ASN B 41 -2.45 13.24 14.51
N VAL B 42 -3.19 12.97 15.57
CA VAL B 42 -3.36 13.93 16.67
C VAL B 42 -2.02 14.22 17.33
N ALA B 43 -1.25 13.16 17.56
CA ALA B 43 0.07 13.27 18.18
C ALA B 43 1.01 14.11 17.31
N ASP B 44 1.01 13.86 16.00
CA ASP B 44 1.87 14.57 15.08
C ASP B 44 1.47 16.04 14.97
N CYS B 45 0.16 16.29 14.92
CA CYS B 45 -0.37 17.64 14.84
C CYS B 45 0.00 18.45 16.07
N ILE B 46 -0.13 17.83 17.25
CA ILE B 46 0.18 18.49 18.50
C ILE B 46 1.66 18.86 18.57
N PHE B 47 2.52 17.96 18.10
CA PHE B 47 3.97 18.17 18.16
C PHE B 47 4.41 19.30 17.25
N LYS B 48 3.82 19.36 16.06
CA LYS B 48 4.15 20.40 15.09
C LYS B 48 3.64 21.76 15.56
N LEU B 49 2.73 21.76 16.51
CA LEU B 49 2.22 23.00 17.09
C LEU B 49 3.01 23.39 18.34
N GLY B 50 4.08 22.67 18.62
CA GLY B 50 5.00 23.04 19.68
C GLY B 50 4.76 22.41 21.04
N ILE B 51 3.91 21.39 21.10
CA ILE B 51 3.67 20.68 22.34
C ILE B 51 4.07 19.21 22.20
N THR B 52 4.81 18.69 23.18
CA THR B 52 5.25 17.30 23.15
C THR B 52 4.21 16.37 23.78
N PRO B 53 3.64 15.46 22.98
CA PRO B 53 2.71 14.44 23.49
C PRO B 53 3.41 13.12 23.76
N PHE B 54 2.80 12.27 24.58
CA PHE B 54 3.28 10.91 24.76
C PHE B 54 2.38 9.92 24.03
N MSE B 55 2.96 9.18 23.09
CA MSE B 55 2.21 8.26 22.26
C MSE B 55 2.19 6.85 22.84
O MSE B 55 3.23 6.30 23.17
CB MSE B 55 2.80 8.22 20.84
CG MSE B 55 2.08 7.30 19.89
SE MSE B 55 0.50 8.14 19.10
CE MSE B 55 -0.66 6.58 19.01
N ILE B 56 1.00 6.28 22.95
CA ILE B 56 0.85 4.87 23.31
C ILE B 56 0.12 4.12 22.21
N GLY B 57 0.83 3.23 21.54
CA GLY B 57 0.26 2.47 20.44
C GLY B 57 0.95 1.15 20.25
N THR B 58 0.66 0.49 19.13
CA THR B 58 1.28 -0.80 18.83
C THR B 58 1.67 -0.87 17.36
N LEU B 59 2.87 -1.40 17.11
CA LEU B 59 3.38 -1.53 15.75
C LEU B 59 4.06 -2.87 15.55
N GLY B 60 4.28 -3.24 14.30
CA GLY B 60 5.00 -4.45 14.00
C GLY B 60 6.49 -4.20 13.86
N LEU B 61 7.24 -5.27 13.62
CA LEU B 61 8.65 -5.15 13.32
C LEU B 61 8.85 -5.46 11.85
N ASP B 62 8.03 -4.82 11.01
CA ASP B 62 7.99 -5.09 9.58
C ASP B 62 8.24 -3.85 8.74
N GLY B 63 8.14 -4.03 7.42
CA GLY B 63 8.30 -2.93 6.47
C GLY B 63 7.39 -1.74 6.65
N PRO B 64 6.07 -1.97 6.81
CA PRO B 64 5.14 -0.84 6.99
C PRO B 64 5.49 0.01 8.20
N ALA B 65 5.93 -0.61 9.28
CA ALA B 65 6.35 0.12 10.47
C ALA B 65 7.54 1.01 10.18
N ASN B 66 8.44 0.56 9.30
CA ASN B 66 9.67 1.29 9.00
C ASN B 66 9.38 2.49 8.10
N VAL B 67 8.36 2.36 7.27
CA VAL B 67 7.85 3.49 6.50
C VAL B 67 7.13 4.45 7.44
N LEU B 68 6.30 3.89 8.31
CA LEU B 68 5.47 4.68 9.22
C LEU B 68 6.29 5.46 10.25
N LEU B 69 7.40 4.89 10.68
CA LEU B 69 8.21 5.48 11.74
C LEU B 69 9.44 6.26 11.25
N LYS B 70 9.68 6.24 9.95
CA LYS B 70 10.90 6.83 9.38
C LYS B 70 11.16 8.26 9.85
N GLU B 71 10.16 9.12 9.79
CA GLU B 71 10.32 10.50 10.25
C GLU B 71 9.58 10.75 11.57
N TRP B 72 9.50 9.73 12.40
CA TRP B 72 8.95 9.85 13.75
C TRP B 72 10.03 10.37 14.69
N LYS B 73 9.78 11.53 15.30
CA LYS B 73 10.80 12.16 16.12
C LYS B 73 10.44 12.16 17.60
N LEU B 74 9.35 11.48 17.94
CA LEU B 74 8.90 11.37 19.34
C LEU B 74 9.40 10.08 19.99
N SER B 75 9.08 9.94 21.28
CA SER B 75 9.43 8.73 22.02
C SER B 75 8.70 7.52 21.46
N MSE B 76 9.26 6.34 21.65
CA MSE B 76 8.67 5.11 21.15
C MSE B 76 8.47 4.10 22.27
O MSE B 76 8.10 2.94 22.03
CB MSE B 76 9.54 4.50 20.04
CG MSE B 76 9.63 5.38 18.79
SE MSE B 76 9.74 4.35 17.14
CE MSE B 76 11.64 3.87 17.19
N LYS B 77 8.70 4.55 23.50
CA LYS B 77 8.60 3.68 24.66
C LYS B 77 7.15 3.28 24.95
N GLY B 78 6.21 4.09 24.49
CA GLY B 78 4.80 3.79 24.64
C GLY B 78 4.27 2.92 23.51
N ILE B 79 5.12 2.63 22.54
CA ILE B 79 4.71 1.86 21.37
C ILE B 79 5.14 0.40 21.48
N LEU B 80 4.16 -0.49 21.49
CA LEU B 80 4.43 -1.91 21.59
C LEU B 80 4.82 -2.48 20.23
N ARG B 81 6.06 -2.91 20.12
CA ARG B 81 6.56 -3.50 18.89
C ARG B 81 6.99 -4.94 19.15
N ARG B 82 6.37 -5.89 18.46
CA ARG B 82 6.77 -7.29 18.56
C ARG B 82 6.65 -7.95 17.20
N GLU B 83 7.22 -9.14 17.08
CA GLU B 83 7.29 -9.82 15.78
C GLU B 83 5.94 -10.44 15.43
N ASP B 84 5.13 -10.70 16.46
CA ASP B 84 3.78 -11.23 16.27
C ASP B 84 2.87 -10.23 15.56
N ILE B 85 3.16 -8.95 15.74
CA ILE B 85 2.30 -7.88 15.25
C ILE B 85 2.56 -7.49 13.80
N SER B 86 1.49 -7.44 13.00
CA SER B 86 1.57 -6.91 11.65
C SER B 86 1.01 -5.50 11.67
N THR B 87 1.83 -4.53 11.26
CA THR B 87 1.47 -3.12 11.29
C THR B 87 0.17 -2.80 10.54
N PRO B 88 -0.77 -2.13 11.22
CA PRO B 88 -2.05 -1.75 10.62
C PRO B 88 -1.90 -0.96 9.31
N ILE B 89 -2.64 -1.36 8.29
CA ILE B 89 -2.62 -0.68 7.00
C ILE B 89 -4.02 -0.57 6.41
N VAL B 90 -4.37 0.62 5.95
CA VAL B 90 -5.60 0.78 5.18
C VAL B 90 -5.18 1.06 3.74
N SER B 91 -5.62 0.22 2.82
CA SER B 91 -5.26 0.36 1.41
C SER B 91 -6.49 0.70 0.57
N LEU B 92 -6.43 1.85 -0.09
CA LEU B 92 -7.55 2.32 -0.89
C LEU B 92 -7.16 2.45 -2.36
N VAL B 93 -7.99 1.91 -3.25
CA VAL B 93 -7.81 2.10 -4.69
C VAL B 93 -8.96 2.95 -5.26
N TYR B 94 -8.63 4.12 -5.79
CA TYR B 94 -9.64 5.07 -6.25
C TYR B 94 -10.03 4.89 -7.73
N ASP B 95 -11.08 5.59 -8.15
CA ASP B 95 -11.46 5.67 -9.56
C ASP B 95 -11.08 7.04 -10.13
N THR B 96 -11.62 7.41 -11.28
CA THR B 96 -11.31 8.69 -11.91
C THR B 96 -11.99 9.90 -11.25
N ASN B 97 -13.16 9.61 -10.70
CA ASN B 97 -13.95 10.45 -9.82
C ASN B 97 -13.31 10.86 -8.49
N GLY B 98 -12.44 10.00 -7.98
CA GLY B 98 -11.86 10.16 -6.66
C GLY B 98 -12.55 9.38 -5.57
N GLU B 99 -13.51 8.53 -5.94
CA GLU B 99 -14.18 7.66 -4.98
C GLU B 99 -13.45 6.31 -4.88
N VAL B 100 -13.67 5.59 -3.78
CA VAL B 100 -13.01 4.31 -3.57
C VAL B 100 -13.66 3.21 -4.41
N ALA B 101 -12.86 2.60 -5.28
CA ALA B 101 -13.33 1.49 -6.10
C ALA B 101 -13.25 0.21 -5.28
N ALA B 102 -12.14 0.06 -4.56
CA ALA B 102 -11.94 -1.09 -3.68
C ALA B 102 -10.99 -0.68 -2.54
N GLY B 103 -11.38 -1.03 -1.32
CA GLY B 103 -10.57 -0.71 -0.16
C GLY B 103 -10.51 -1.87 0.80
N VAL B 104 -9.33 -2.08 1.38
CA VAL B 104 -9.11 -3.16 2.33
C VAL B 104 -8.42 -2.60 3.56
N ALA B 105 -8.86 -3.03 4.74
CA ALA B 105 -8.24 -2.55 5.97
C ALA B 105 -7.80 -3.71 6.86
N GLY B 106 -6.55 -3.64 7.30
CA GLY B 106 -5.98 -4.63 8.18
C GLY B 106 -5.44 -3.96 9.41
N VAL B 107 -6.33 -3.68 10.37
CA VAL B 107 -6.00 -2.86 11.52
C VAL B 107 -6.36 -3.56 12.83
N ASP B 108 -6.29 -4.89 12.82
CA ASP B 108 -6.69 -5.68 13.98
C ASP B 108 -5.57 -5.75 15.02
N ALA B 109 -4.41 -5.22 14.69
CA ALA B 109 -3.30 -5.13 15.62
C ALA B 109 -3.63 -4.25 16.83
N VAL B 110 -4.38 -3.18 16.59
CA VAL B 110 -4.73 -2.25 17.65
C VAL B 110 -5.66 -2.91 18.67
N GLU B 111 -6.68 -3.61 18.18
CA GLU B 111 -7.65 -4.24 19.06
C GLU B 111 -7.11 -5.51 19.73
N ASN B 112 -6.15 -6.18 19.09
CA ASN B 112 -5.61 -7.41 19.63
C ASN B 112 -4.36 -7.26 20.50
N PHE B 113 -3.60 -6.19 20.30
CA PHE B 113 -2.31 -6.06 20.97
C PHE B 113 -2.16 -4.84 21.87
N LEU B 114 -3.00 -3.84 21.69
CA LEU B 114 -2.98 -2.70 22.61
C LEU B 114 -3.91 -2.96 23.78
N THR B 115 -3.42 -3.80 24.70
CA THR B 115 -4.21 -4.34 25.79
C THR B 115 -4.23 -3.42 27.01
N PRO B 116 -5.17 -3.66 27.95
CA PRO B 116 -5.12 -2.98 29.25
C PRO B 116 -3.80 -3.23 29.96
N GLU B 117 -3.26 -4.43 29.81
CA GLU B 117 -1.99 -4.81 30.42
C GLU B 117 -0.84 -3.92 29.95
N TRP B 118 -0.84 -3.59 28.67
CA TRP B 118 0.21 -2.74 28.11
C TRP B 118 0.02 -1.31 28.56
N ILE B 119 -1.24 -0.89 28.64
CA ILE B 119 -1.59 0.47 29.03
C ILE B 119 -1.25 0.75 30.51
N GLN B 120 -1.39 -0.27 31.36
CA GLN B 120 -1.11 -0.07 32.79
C GLN B 120 0.37 0.14 33.07
N ARG B 121 1.23 -0.17 32.10
CA ARG B 121 2.65 0.11 32.23
C ARG B 121 2.93 1.61 32.32
N PHE B 122 2.02 2.40 31.74
CA PHE B 122 2.21 3.85 31.66
C PHE B 122 1.19 4.57 32.53
N GLU B 123 0.86 3.97 33.66
CA GLU B 123 -0.09 4.53 34.61
C GLU B 123 0.40 5.86 35.17
N TYR B 124 1.72 6.00 35.30
CA TYR B 124 2.31 7.23 35.79
C TYR B 124 2.11 8.35 34.77
N ASN B 125 2.29 8.03 33.50
CA ASN B 125 2.13 8.99 32.42
C ASN B 125 0.70 9.50 32.31
N ILE B 126 -0.25 8.57 32.36
CA ILE B 126 -1.66 8.91 32.28
C ILE B 126 -2.15 9.70 33.49
N SER B 127 -1.66 9.33 34.67
CA SER B 127 -2.05 9.99 35.91
C SER B 127 -1.54 11.43 35.96
N SER B 128 -0.34 11.66 35.42
CA SER B 128 0.28 12.96 35.48
C SER B 128 0.03 13.79 34.22
N ALA B 129 -0.79 13.26 33.32
CA ALA B 129 -1.08 13.96 32.07
C ALA B 129 -2.00 15.16 32.31
N ARG B 130 -1.74 16.24 31.58
CA ARG B 130 -2.64 17.39 31.57
C ARG B 130 -3.95 17.02 30.89
N LEU B 131 -3.87 16.10 29.92
CA LEU B 131 -5.02 15.67 29.15
C LEU B 131 -4.77 14.27 28.59
N LEU B 132 -5.83 13.47 28.50
CA LEU B 132 -5.73 12.14 27.91
C LEU B 132 -6.61 12.03 26.68
N MSE B 133 -6.00 11.68 25.56
CA MSE B 133 -6.72 11.54 24.30
C MSE B 133 -6.72 10.08 23.86
O MSE B 133 -5.65 9.48 23.69
CB MSE B 133 -6.11 12.44 23.22
CG MSE B 133 -7.12 12.98 22.22
SE MSE B 133 -7.80 11.65 20.96
CE MSE B 133 -6.11 10.94 20.31
N VAL B 134 -7.90 9.51 23.69
CA VAL B 134 -8.04 8.14 23.23
C VAL B 134 -8.91 8.08 21.98
N ASP B 135 -8.52 7.28 21.00
CA ASP B 135 -9.37 7.08 19.83
C ASP B 135 -10.17 5.79 19.96
N ALA B 136 -11.25 5.69 19.19
CA ALA B 136 -12.17 4.56 19.29
C ALA B 136 -11.63 3.32 18.59
N ASN B 137 -10.40 3.39 18.07
CA ASN B 137 -9.75 2.22 17.50
C ASN B 137 -9.38 1.23 18.59
N LEU B 138 -9.25 1.76 19.80
CA LEU B 138 -8.97 0.93 20.97
C LEU B 138 -10.11 -0.03 21.24
N SER B 139 -9.80 -1.17 21.85
CA SER B 139 -10.84 -2.09 22.26
C SER B 139 -11.57 -1.48 23.44
N SER B 140 -12.77 -1.96 23.72
CA SER B 140 -13.55 -1.47 24.84
C SER B 140 -12.80 -1.65 26.16
N LEU B 141 -12.10 -2.76 26.28
CA LEU B 141 -11.34 -3.07 27.49
C LEU B 141 -10.18 -2.09 27.63
N ALA B 142 -9.49 -1.82 26.52
CA ALA B 142 -8.39 -0.87 26.51
C ALA B 142 -8.91 0.54 26.82
N LEU B 143 -10.09 0.86 26.31
CA LEU B 143 -10.70 2.18 26.54
C LEU B 143 -11.06 2.35 28.01
N GLU B 144 -11.63 1.29 28.59
CA GLU B 144 -12.04 1.28 29.98
C GLU B 144 -10.84 1.46 30.92
N ALA B 145 -9.78 0.70 30.66
CA ALA B 145 -8.58 0.74 31.49
C ALA B 145 -7.94 2.12 31.46
N SER B 146 -7.81 2.68 30.26
CA SER B 146 -7.21 4.01 30.09
C SER B 146 -8.03 5.10 30.76
N CYS B 147 -9.33 5.12 30.48
CA CYS B 147 -10.19 6.21 30.95
C CYS B 147 -10.43 6.17 32.45
N LYS B 148 -10.34 4.99 33.06
CA LYS B 148 -10.57 4.88 34.50
C LYS B 148 -9.30 5.23 35.26
N LEU B 149 -8.14 5.07 34.61
CA LEU B 149 -6.88 5.50 35.18
C LEU B 149 -6.86 7.03 35.23
N ALA B 150 -7.32 7.65 34.15
CA ALA B 150 -7.37 9.10 34.05
C ALA B 150 -8.40 9.70 35.00
N ALA B 151 -9.54 9.01 35.13
CA ALA B 151 -10.61 9.48 35.99
C ALA B 151 -10.20 9.55 37.45
N GLU B 152 -9.44 8.55 37.91
CA GLU B 152 -8.92 8.52 39.27
C GLU B 152 -8.08 9.76 39.58
N SER B 153 -7.24 10.14 38.63
CA SER B 153 -6.35 11.28 38.81
C SER B 153 -6.98 12.57 38.32
N SER B 154 -8.28 12.51 38.03
CA SER B 154 -9.04 13.65 37.53
C SER B 154 -8.39 14.27 36.30
N VAL B 155 -7.84 13.41 35.44
CA VAL B 155 -7.27 13.85 34.17
C VAL B 155 -8.36 13.86 33.10
N PRO B 156 -8.54 15.01 32.43
CA PRO B 156 -9.56 15.14 31.39
C PRO B 156 -9.36 14.15 30.26
N VAL B 157 -10.45 13.55 29.78
CA VAL B 157 -10.37 12.55 28.74
C VAL B 157 -11.04 13.03 27.46
N TRP B 158 -10.32 12.95 26.35
CA TRP B 158 -10.89 13.26 25.04
C TRP B 158 -11.10 11.96 24.27
N PHE B 159 -12.34 11.70 23.87
CA PHE B 159 -12.66 10.51 23.11
C PHE B 159 -12.99 10.87 21.67
N GLU B 160 -12.20 10.37 20.73
CA GLU B 160 -12.45 10.63 19.32
C GLU B 160 -13.12 9.47 18.60
N PRO B 161 -14.36 9.69 18.14
CA PRO B 161 -15.12 8.68 17.40
C PRO B 161 -14.49 8.50 16.03
N VAL B 162 -13.71 7.42 15.87
CA VAL B 162 -13.06 7.14 14.60
C VAL B 162 -14.06 7.00 13.46
N SER B 163 -15.15 6.28 13.71
CA SER B 163 -16.17 6.04 12.72
C SER B 163 -17.53 5.83 13.37
N VAL B 164 -18.57 5.68 12.55
CA VAL B 164 -19.92 5.46 13.05
C VAL B 164 -20.00 4.19 13.88
N THR B 165 -19.38 3.12 13.39
CA THR B 165 -19.36 1.85 14.08
C THR B 165 -18.61 1.93 15.42
N LYS B 166 -17.38 2.43 15.36
CA LYS B 166 -16.52 2.44 16.54
C LYS B 166 -16.88 3.53 17.55
N SER B 167 -17.71 4.49 17.13
CA SER B 167 -18.12 5.56 18.05
C SER B 167 -18.97 5.00 19.18
N GLN B 168 -19.63 3.87 18.90
CA GLN B 168 -20.52 3.22 19.86
C GLN B 168 -19.78 2.64 21.06
N ARG B 169 -18.45 2.55 20.96
CA ARG B 169 -17.61 2.06 22.05
C ARG B 169 -17.59 3.04 23.24
N ILE B 170 -18.24 4.18 23.06
CA ILE B 170 -18.42 5.16 24.14
C ILE B 170 -19.33 4.66 25.25
N ALA B 171 -20.12 3.62 24.96
CA ALA B 171 -21.17 3.15 25.86
C ALA B 171 -20.69 2.83 27.27
N SER B 172 -19.56 2.15 27.39
CA SER B 172 -19.08 1.69 28.69
C SER B 172 -18.18 2.70 29.41
N ILE B 173 -17.81 3.78 28.73
CA ILE B 173 -16.84 4.72 29.30
C ILE B 173 -17.32 6.17 29.37
N ALA B 174 -18.56 6.41 28.95
CA ALA B 174 -19.13 7.76 28.86
C ALA B 174 -18.93 8.53 30.16
N LYS B 175 -19.09 7.82 31.27
CA LYS B 175 -18.90 8.32 32.62
C LYS B 175 -17.55 9.04 32.78
N TYR B 176 -16.50 8.47 32.21
CA TYR B 176 -15.14 8.96 32.38
C TYR B 176 -14.75 10.04 31.38
N VAL B 177 -15.57 10.24 30.36
CA VAL B 177 -15.19 11.09 29.23
C VAL B 177 -15.58 12.56 29.43
N THR B 178 -14.62 13.45 29.22
CA THR B 178 -14.85 14.88 29.34
C THR B 178 -15.30 15.49 28.01
N ILE B 179 -14.57 15.16 26.95
CA ILE B 179 -14.86 15.73 25.63
C ILE B 179 -14.96 14.66 24.56
N VAL B 180 -15.99 14.78 23.71
CA VAL B 180 -16.09 13.94 22.52
C VAL B 180 -16.18 14.83 21.28
N SER B 181 -15.66 14.35 20.16
CA SER B 181 -15.62 15.13 18.94
C SER B 181 -16.19 14.39 17.73
N PRO B 182 -17.47 14.04 17.77
CA PRO B 182 -18.02 13.29 16.64
C PRO B 182 -18.46 14.18 15.50
N ASN B 183 -18.58 13.62 14.30
CA ASN B 183 -19.37 14.28 13.29
C ASN B 183 -20.81 13.91 13.64
N GLN B 184 -21.77 14.26 12.79
CA GLN B 184 -23.16 14.07 13.17
C GLN B 184 -23.68 12.65 12.97
N ASP B 185 -23.03 11.87 12.11
CA ASP B 185 -23.38 10.46 12.00
C ASP B 185 -22.94 9.74 13.26
N GLU B 186 -21.72 10.04 13.71
CA GLU B 186 -21.16 9.46 14.91
C GLU B 186 -21.93 9.89 16.16
N LEU B 187 -22.38 11.14 16.19
CA LEU B 187 -23.17 11.65 17.31
C LEU B 187 -24.47 10.86 17.47
N ILE B 188 -25.13 10.59 16.34
CA ILE B 188 -26.37 9.82 16.35
C ILE B 188 -26.11 8.40 16.84
N ALA B 189 -25.06 7.78 16.33
CA ALA B 189 -24.70 6.41 16.70
C ALA B 189 -24.38 6.31 18.19
N MSE B 190 -23.69 7.30 18.72
CA MSE B 190 -23.35 7.30 20.14
C MSE B 190 -24.59 7.52 21.01
O MSE B 190 -24.69 6.97 22.10
CB MSE B 190 -22.31 8.40 20.44
CG MSE B 190 -20.95 8.13 19.82
SE MSE B 190 -19.79 9.71 19.81
CE MSE B 190 -19.33 9.76 21.70
N ALA B 191 -25.52 8.32 20.50
CA ALA B 191 -26.76 8.60 21.23
C ALA B 191 -27.63 7.36 21.32
N ASN B 192 -27.73 6.63 20.23
CA ASN B 192 -28.48 5.37 20.20
C ASN B 192 -27.88 4.33 21.13
N ALA B 193 -26.56 4.28 21.15
CA ALA B 193 -25.84 3.33 21.99
C ALA B 193 -26.11 3.58 23.46
N LEU B 194 -26.21 4.86 23.82
CA LEU B 194 -26.46 5.25 25.20
C LEU B 194 -27.94 5.14 25.60
N CYS B 195 -28.82 5.16 24.60
CA CYS B 195 -30.26 5.09 24.86
C CYS B 195 -30.78 3.65 24.98
N ALA B 196 -31.97 3.50 25.54
CA ALA B 196 -32.58 2.18 25.70
C ALA B 196 -33.34 1.79 24.43
N LYS B 197 -33.52 2.76 23.54
CA LYS B 197 -34.07 2.50 22.21
C LYS B 197 -33.33 3.28 21.13
N ASN B 198 -33.55 2.89 19.88
CA ASN B 198 -32.97 3.56 18.72
C ASN B 198 -33.86 4.75 18.34
N LEU B 199 -33.73 5.84 19.08
CA LEU B 199 -34.61 6.98 18.91
C LEU B 199 -34.16 7.97 17.84
N PHE B 200 -32.96 7.76 17.29
CA PHE B 200 -32.42 8.69 16.30
C PHE B 200 -32.03 7.99 15.00
N HIS B 201 -32.23 8.62 13.84
CA HIS B 201 -31.70 7.93 12.66
C HIS B 201 -31.00 8.95 11.73
N LYS B 209 -27.16 21.25 3.50
CA LYS B 209 -28.59 21.30 3.18
C LYS B 209 -29.33 22.19 4.16
N LEU B 210 -29.00 22.04 5.44
CA LEU B 210 -29.73 22.74 6.50
C LEU B 210 -28.94 23.91 7.07
N SER B 211 -29.63 24.80 7.77
CA SER B 211 -29.00 25.99 8.33
C SER B 211 -28.36 25.60 9.66
N ILE B 212 -27.58 26.50 10.25
CA ILE B 212 -26.81 26.15 11.45
C ILE B 212 -27.65 25.93 12.72
N GLU B 213 -28.65 26.77 12.96
CA GLU B 213 -29.50 26.59 14.15
C GLU B 213 -30.57 25.53 13.89
N ASP B 214 -30.88 25.29 12.62
CA ASP B 214 -31.75 24.18 12.25
C ASP B 214 -31.05 22.85 12.46
N MSE B 215 -29.82 22.74 11.96
CA MSE B 215 -29.08 21.51 12.14
C MSE B 215 -28.79 21.26 13.61
O MSE B 215 -28.72 20.11 14.05
CB MSE B 215 -27.75 21.52 11.36
CG MSE B 215 -27.18 20.13 11.40
SE MSE B 215 -28.64 19.00 10.78
CE MSE B 215 -28.32 17.32 11.68
N PHE B 216 -28.60 22.34 14.36
CA PHE B 216 -28.38 22.21 15.80
C PHE B 216 -29.63 21.76 16.53
N ARG B 217 -30.78 22.29 16.13
CA ARG B 217 -32.04 21.96 16.77
C ARG B 217 -32.40 20.49 16.54
N ALA B 218 -31.91 19.95 15.43
CA ALA B 218 -32.12 18.55 15.10
C ALA B 218 -31.20 17.63 15.91
N LEU B 219 -30.04 18.14 16.32
CA LEU B 219 -29.04 17.33 17.01
C LEU B 219 -29.10 17.49 18.53
N LYS B 220 -29.82 18.50 19.00
CA LYS B 220 -29.89 18.79 20.43
C LYS B 220 -30.34 17.58 21.27
N PRO B 221 -31.36 16.81 20.83
CA PRO B 221 -31.72 15.65 21.64
C PRO B 221 -30.58 14.63 21.80
N ALA B 222 -29.89 14.32 20.70
CA ALA B 222 -28.78 13.38 20.74
C ALA B 222 -27.64 13.91 21.60
N ILE B 223 -27.39 15.22 21.52
CA ILE B 223 -26.34 15.85 22.29
C ILE B 223 -26.64 15.78 23.79
N LEU B 224 -27.90 15.99 24.15
CA LEU B 224 -28.32 15.95 25.54
C LEU B 224 -28.14 14.55 26.15
N VAL B 225 -28.39 13.52 25.34
CA VAL B 225 -28.20 12.14 25.75
C VAL B 225 -26.78 11.91 26.26
N LEU B 226 -25.81 12.39 25.48
CA LEU B 226 -24.40 12.25 25.85
C LEU B 226 -24.11 13.01 27.14
N LEU B 227 -24.70 14.19 27.26
CA LEU B 227 -24.52 15.01 28.45
C LEU B 227 -25.10 14.31 29.68
N LYS B 228 -26.26 13.68 29.48
CA LYS B 228 -26.94 13.00 30.58
C LYS B 228 -26.12 11.81 31.08
N ASN B 229 -25.32 11.23 30.19
CA ASN B 229 -24.51 10.07 30.54
C ASN B 229 -23.11 10.42 31.07
N GLY B 230 -22.87 11.71 31.31
CA GLY B 230 -21.64 12.12 31.97
C GLY B 230 -20.63 12.88 31.12
N VAL B 231 -20.85 12.95 29.82
CA VAL B 231 -19.96 13.72 28.95
C VAL B 231 -20.11 15.20 29.27
N LYS B 232 -18.99 15.90 29.39
CA LYS B 232 -19.02 17.31 29.78
C LYS B 232 -19.09 18.23 28.57
N VAL B 233 -18.35 17.88 27.52
CA VAL B 233 -18.27 18.72 26.33
C VAL B 233 -18.46 17.90 25.06
N VAL B 234 -19.42 18.31 24.23
CA VAL B 234 -19.64 17.67 22.94
C VAL B 234 -19.33 18.62 21.79
N ILE B 235 -18.31 18.28 21.01
CA ILE B 235 -17.97 19.05 19.83
C ILE B 235 -18.40 18.32 18.57
N VAL B 236 -19.40 18.87 17.89
CA VAL B 236 -19.91 18.25 16.67
C VAL B 236 -19.28 18.91 15.44
N THR B 237 -18.43 18.17 14.75
CA THR B 237 -17.77 18.68 13.56
C THR B 237 -18.73 18.63 12.35
N LEU B 238 -18.91 19.77 11.71
CA LEU B 238 -19.90 19.88 10.64
C LEU B 238 -19.26 20.08 9.27
N GLY B 239 -17.98 19.73 9.15
CA GLY B 239 -17.27 19.88 7.89
C GLY B 239 -17.17 21.34 7.46
N SER B 240 -17.78 21.65 6.31
CA SER B 240 -17.72 22.98 5.74
C SER B 240 -18.63 23.98 6.46
N ASN B 241 -19.41 23.47 7.41
CA ASN B 241 -20.26 24.35 8.22
C ASN B 241 -19.69 24.49 9.63
N GLY B 242 -18.38 24.28 9.74
CA GLY B 242 -17.67 24.57 10.97
C GLY B 242 -17.81 23.47 12.01
N ALA B 243 -18.04 23.88 13.25
CA ALA B 243 -18.16 22.95 14.36
C ALA B 243 -19.18 23.46 15.36
N LEU B 244 -19.82 22.53 16.07
CA LEU B 244 -20.76 22.90 17.12
C LEU B 244 -20.13 22.60 18.48
N LEU B 245 -20.15 23.59 19.38
CA LEU B 245 -19.61 23.38 20.72
C LEU B 245 -20.71 23.43 21.77
N CYS B 246 -21.02 22.27 22.34
CA CYS B 246 -22.03 22.16 23.38
C CYS B 246 -21.41 21.64 24.66
N SER B 247 -21.74 22.26 25.78
CA SER B 247 -21.15 21.86 27.06
C SER B 247 -22.11 21.97 28.24
N LYS B 248 -21.84 21.19 29.28
CA LYS B 248 -22.53 21.33 30.55
C LYS B 248 -21.78 22.37 31.38
N GLY B 249 -22.42 23.52 31.61
CA GLY B 249 -21.76 24.62 32.28
C GLY B 249 -21.08 25.55 31.29
N ASN B 250 -20.47 26.61 31.80
CA ASN B 250 -19.78 27.61 30.98
C ASN B 250 -18.75 27.02 30.03
N PRO B 251 -18.83 27.41 28.74
CA PRO B 251 -17.93 26.98 27.66
C PRO B 251 -16.48 27.43 27.83
N LYS B 252 -16.24 28.47 28.61
CA LYS B 252 -14.89 29.01 28.76
C LYS B 252 -14.08 28.22 29.78
N LYS B 253 -14.01 26.91 29.57
CA LYS B 253 -13.28 26.02 30.45
C LYS B 253 -11.81 25.95 30.04
N ALA B 254 -10.94 25.65 31.00
CA ALA B 254 -9.51 25.54 30.73
C ALA B 254 -8.92 24.36 31.48
N LEU B 255 -7.70 23.97 31.12
CA LEU B 255 -7.04 22.86 31.79
C LEU B 255 -6.48 23.32 33.13
N ASN B 256 -6.86 22.63 34.19
CA ASN B 256 -6.40 22.97 35.53
C ASN B 256 -4.93 22.60 35.72
N ILE B 257 -4.06 23.36 35.06
CA ILE B 257 -2.62 23.12 35.12
C ILE B 257 -1.88 24.40 35.42
N ASP B 258 -0.79 24.29 36.19
CA ASP B 258 0.02 25.44 36.56
C ASP B 258 0.59 26.12 35.32
N ARG B 259 0.72 27.45 35.38
CA ARG B 259 1.18 28.25 34.25
C ARG B 259 2.59 27.88 33.83
N LYS B 260 3.42 27.54 34.81
CA LYS B 260 4.79 27.11 34.54
C LYS B 260 5.13 25.83 35.30
N SER B 264 4.18 27.94 29.23
CA SER B 264 3.48 28.38 28.03
C SER B 264 4.39 28.33 26.82
N GLY B 265 3.86 28.77 25.67
CA GLY B 265 4.64 28.76 24.45
C GLY B 265 4.15 29.75 23.43
N GLU B 266 4.59 29.59 22.20
CA GLU B 266 4.32 30.57 21.15
C GLU B 266 2.87 30.54 20.69
N VAL B 267 2.27 29.37 20.62
CA VAL B 267 0.88 29.26 20.20
C VAL B 267 -0.03 29.99 21.20
N PHE B 268 0.27 29.85 22.49
CA PHE B 268 -0.55 30.48 23.53
C PHE B 268 -0.60 32.00 23.48
N LYS B 269 0.55 32.67 23.44
CA LYS B 269 0.55 34.13 23.55
C LYS B 269 0.31 34.84 22.22
N ARG B 270 0.46 34.11 21.12
CA ARG B 270 0.00 34.62 19.84
C ARG B 270 -1.53 34.62 19.81
N VAL B 271 -2.12 33.47 20.13
CA VAL B 271 -3.57 33.32 20.11
C VAL B 271 -4.26 34.16 21.19
N GLN B 272 -3.69 34.18 22.40
CA GLN B 272 -4.27 34.94 23.50
C GLN B 272 -4.34 36.44 23.23
N SER B 273 -3.28 36.96 22.62
CA SER B 273 -3.23 38.37 22.24
C SER B 273 -4.35 38.68 21.25
N VAL B 274 -4.48 37.82 20.24
CA VAL B 274 -5.36 38.08 19.11
C VAL B 274 -6.80 37.60 19.36
N CYS B 275 -6.95 36.52 20.13
CA CYS B 275 -8.27 36.01 20.51
C CYS B 275 -8.62 36.39 21.94
N SER B 276 -9.13 37.60 22.13
CA SER B 276 -9.42 38.14 23.47
C SER B 276 -10.34 37.24 24.29
N PRO B 277 -9.97 36.99 25.56
CA PRO B 277 -10.76 36.18 26.49
C PRO B 277 -11.95 36.93 27.07
N ASN B 278 -12.05 38.23 26.79
CA ASN B 278 -13.13 39.03 27.32
C ASN B 278 -14.28 39.21 26.33
N ARG B 279 -14.19 38.52 25.19
CA ARG B 279 -15.25 38.58 24.19
C ARG B 279 -16.52 37.95 24.74
N PHE B 280 -16.37 36.79 25.38
CA PHE B 280 -17.50 36.05 25.92
C PHE B 280 -17.51 36.08 27.45
N SER B 290 -25.90 23.93 33.60
CA SER B 290 -26.88 23.92 32.52
C SER B 290 -26.21 23.55 31.20
N LEU B 291 -26.85 23.91 30.09
CA LEU B 291 -26.30 23.59 28.77
C LEU B 291 -26.08 24.82 27.89
N PHE B 292 -24.85 24.96 27.42
CA PHE B 292 -24.43 26.06 26.57
C PHE B 292 -24.09 25.56 25.16
N ALA B 293 -24.48 26.32 24.14
CA ALA B 293 -24.23 25.90 22.76
C ALA B 293 -23.68 27.04 21.90
N MSE B 294 -22.56 26.78 21.24
CA MSE B 294 -21.94 27.75 20.35
C MSE B 294 -21.75 27.16 18.96
O MSE B 294 -21.61 25.94 18.80
CB MSE B 294 -20.59 28.21 20.88
CG MSE B 294 -20.60 28.83 22.26
SE MSE B 294 -18.81 29.34 22.85
CE MSE B 294 -18.43 30.69 21.50
N HIS B 295 -21.76 28.00 17.94
CA HIS B 295 -21.36 27.58 16.60
C HIS B 295 -20.05 28.26 16.22
N PHE B 296 -19.12 27.46 15.71
CA PHE B 296 -17.86 27.98 15.22
C PHE B 296 -17.83 27.81 13.71
N PRO B 297 -17.66 28.92 12.98
CA PRO B 297 -17.58 28.85 11.52
C PRO B 297 -16.20 28.39 11.05
N THR B 298 -16.14 27.77 9.88
CA THR B 298 -14.85 27.40 9.30
C THR B 298 -14.36 28.46 8.33
N ILE B 299 -13.11 28.31 7.88
CA ILE B 299 -12.50 29.24 6.96
C ILE B 299 -12.37 28.64 5.56
N PRO B 300 -12.75 29.41 4.53
CA PRO B 300 -12.60 29.01 3.12
C PRO B 300 -11.18 28.54 2.82
N ALA B 301 -11.02 27.42 2.13
CA ALA B 301 -9.69 26.85 1.92
C ALA B 301 -9.52 26.12 0.58
N LYS B 302 -8.27 26.00 0.14
CA LYS B 302 -7.96 25.29 -1.09
C LYS B 302 -7.82 23.80 -0.79
N VAL B 303 -8.92 23.08 -0.89
CA VAL B 303 -8.94 21.67 -0.55
C VAL B 303 -8.07 20.87 -1.53
N LYS B 304 -7.18 20.05 -0.97
CA LYS B 304 -6.38 19.15 -1.79
C LYS B 304 -6.73 17.71 -1.41
N LYS B 305 -7.03 17.50 -0.13
CA LYS B 305 -7.57 16.23 0.37
C LYS B 305 -8.00 16.43 1.81
N LEU B 306 -9.20 15.92 2.08
CA LEU B 306 -9.90 16.08 3.35
C LEU B 306 -9.23 15.21 4.43
N THR B 307 -8.23 14.44 4.01
CA THR B 307 -7.41 13.64 4.91
C THR B 307 -6.90 14.42 6.13
N GLY B 308 -7.24 13.93 7.31
CA GLY B 308 -6.62 14.45 8.52
C GLY B 308 -7.33 15.65 9.11
N ALA B 309 -8.39 16.09 8.45
CA ALA B 309 -9.08 17.31 8.87
C ALA B 309 -9.67 17.20 10.28
N GLY B 310 -10.40 16.12 10.54
CA GLY B 310 -10.98 15.91 11.85
C GLY B 310 -9.91 15.74 12.93
N ASP B 311 -8.87 15.00 12.60
CA ASP B 311 -7.77 14.74 13.54
C ASP B 311 -7.03 16.01 13.93
N CYS B 312 -6.79 16.89 12.98
CA CYS B 312 -6.09 18.15 13.24
C CYS B 312 -6.97 19.13 14.01
N LEU B 313 -8.29 18.99 13.87
CA LEU B 313 -9.21 19.77 14.68
C LEU B 313 -9.02 19.35 16.13
N VAL B 314 -8.91 18.04 16.35
CA VAL B 314 -8.64 17.50 17.68
C VAL B 314 -7.25 17.89 18.13
N GLY B 315 -6.27 17.70 17.25
CA GLY B 315 -4.89 18.02 17.56
C GLY B 315 -4.66 19.48 17.90
N GLY B 316 -5.25 20.37 17.11
CA GLY B 316 -5.13 21.80 17.34
C GLY B 316 -5.74 22.26 18.65
N THR B 317 -6.90 21.69 18.98
CA THR B 317 -7.60 22.04 20.21
C THR B 317 -6.86 21.54 21.45
N VAL B 318 -6.39 20.30 21.39
CA VAL B 318 -5.67 19.71 22.52
C VAL B 318 -4.37 20.46 22.78
N ALA B 319 -3.66 20.78 21.71
CA ALA B 319 -2.41 21.53 21.80
C ALA B 319 -2.60 22.89 22.45
N SER B 320 -3.67 23.58 22.06
CA SER B 320 -3.99 24.89 22.62
C SER B 320 -4.40 24.80 24.08
N LEU B 321 -5.20 23.78 24.40
CA LEU B 321 -5.59 23.54 25.79
C LEU B 321 -4.36 23.19 26.62
N SER B 322 -3.42 22.49 25.99
CA SER B 322 -2.20 22.07 26.67
C SER B 322 -1.24 23.22 26.96
N ASP B 323 -1.36 24.32 26.22
CA ASP B 323 -0.46 25.45 26.42
C ASP B 323 -1.16 26.56 27.20
N GLY B 324 -2.32 26.25 27.76
CA GLY B 324 -3.00 27.14 28.69
C GLY B 324 -4.17 27.96 28.18
N LEU B 325 -4.56 27.77 26.93
CA LEU B 325 -5.71 28.49 26.37
C LEU B 325 -7.03 27.87 26.86
N ASP B 326 -8.11 28.63 26.79
CA ASP B 326 -9.42 28.11 27.16
C ASP B 326 -10.03 27.33 26.00
N LEU B 327 -11.17 26.69 26.22
CA LEU B 327 -11.78 25.82 25.23
C LEU B 327 -12.23 26.57 23.98
N ILE B 328 -12.74 27.79 24.18
CA ILE B 328 -13.23 28.59 23.07
C ILE B 328 -12.08 29.03 22.16
N GLN B 329 -10.98 29.44 22.77
CA GLN B 329 -9.78 29.80 22.02
C GLN B 329 -9.18 28.58 21.34
N SER B 330 -9.14 27.46 22.08
CA SER B 330 -8.55 26.22 21.59
C SER B 330 -9.29 25.65 20.37
N LEU B 331 -10.61 25.71 20.39
CA LEU B 331 -11.41 25.18 19.28
C LEU B 331 -11.16 25.99 18.00
N ALA B 332 -11.01 27.30 18.16
CA ALA B 332 -10.71 28.18 17.03
C ALA B 332 -9.39 27.79 16.36
N VAL B 333 -8.39 27.48 17.18
CA VAL B 333 -7.11 27.00 16.68
C VAL B 333 -7.28 25.65 15.98
N GLY B 334 -8.15 24.82 16.53
CA GLY B 334 -8.41 23.50 15.97
C GLY B 334 -8.99 23.58 14.57
N ILE B 335 -9.94 24.47 14.38
CA ILE B 335 -10.55 24.67 13.06
C ILE B 335 -9.54 25.29 12.09
N ALA B 336 -8.68 26.16 12.61
CA ALA B 336 -7.58 26.71 11.84
C ALA B 336 -6.64 25.58 11.41
N SER B 337 -6.31 24.71 12.36
CA SER B 337 -5.43 23.58 12.10
C SER B 337 -6.08 22.59 11.11
N ALA B 338 -7.39 22.44 11.22
CA ALA B 338 -8.14 21.58 10.31
C ALA B 338 -8.04 22.11 8.89
N LYS B 339 -8.09 23.43 8.75
CA LYS B 339 -7.97 24.09 7.46
C LYS B 339 -6.58 23.84 6.85
N ALA B 340 -5.55 23.95 7.68
CA ALA B 340 -4.18 23.69 7.22
C ALA B 340 -4.05 22.25 6.74
N ALA B 341 -4.83 21.36 7.34
CA ALA B 341 -4.77 19.95 7.00
C ALA B 341 -5.42 19.65 5.66
N VAL B 342 -6.51 20.34 5.34
CA VAL B 342 -7.19 20.10 4.06
C VAL B 342 -6.41 20.75 2.91
N GLU B 343 -5.61 21.77 3.22
CA GLU B 343 -4.78 22.42 2.22
C GLU B 343 -3.42 21.75 2.20
N SER B 344 -3.30 20.69 2.98
CA SER B 344 -2.14 19.85 2.87
C SER B 344 -2.68 18.57 2.27
N ASP B 345 -1.82 17.69 1.77
CA ASP B 345 -2.29 16.36 1.35
C ASP B 345 -1.53 15.24 2.12
N ASP B 346 -1.00 15.58 3.29
CA ASP B 346 -0.60 14.55 4.23
C ASP B 346 -1.76 14.58 5.20
N ASN B 347 -1.96 13.56 6.03
CA ASN B 347 -3.05 13.63 6.99
C ASN B 347 -2.79 14.85 7.87
N VAL B 348 -1.53 15.02 8.24
CA VAL B 348 -1.07 16.19 8.96
C VAL B 348 -0.06 16.95 8.10
N PRO B 349 -0.24 18.27 7.96
CA PRO B 349 0.66 19.09 7.13
C PRO B 349 2.11 18.94 7.57
N PRO B 350 3.06 19.04 6.62
CA PRO B 350 4.48 18.87 6.91
C PRO B 350 4.98 19.79 8.01
N GLU B 351 4.42 20.99 8.05
CA GLU B 351 4.72 21.95 9.11
C GLU B 351 3.54 22.89 9.31
N PHE B 352 3.51 23.55 10.46
CA PHE B 352 2.52 24.58 10.72
C PHE B 352 3.17 25.95 10.74
N LYS B 353 2.59 26.89 10.01
CA LYS B 353 3.02 28.27 10.10
C LYS B 353 2.13 28.94 11.13
N LEU B 354 2.69 29.17 12.31
CA LEU B 354 1.96 29.63 13.47
C LEU B 354 1.23 30.95 13.22
N ASP B 355 1.80 31.83 12.40
CA ASP B 355 1.15 33.11 12.11
C ASP B 355 -0.16 32.90 11.36
N LEU B 356 -0.14 31.96 10.42
CA LEU B 356 -1.31 31.64 9.62
C LEU B 356 -2.37 31.00 10.49
N ILE B 357 -1.94 30.11 11.36
CA ILE B 357 -2.83 29.44 12.30
C ILE B 357 -3.49 30.45 13.23
N SER B 358 -2.68 31.40 13.72
CA SER B 358 -3.17 32.44 14.63
C SER B 358 -4.17 33.37 13.95
N GLY B 359 -3.86 33.75 12.70
CA GLY B 359 -4.73 34.63 11.93
C GLY B 359 -6.07 33.98 11.66
N ASP B 360 -6.03 32.73 11.21
CA ASP B 360 -7.23 31.96 10.95
C ASP B 360 -8.05 31.74 12.22
N ALA B 361 -7.35 31.52 13.34
CA ALA B 361 -7.99 31.30 14.62
C ALA B 361 -8.83 32.51 15.03
N GLU B 362 -8.31 33.70 14.78
CA GLU B 362 -9.02 34.93 15.13
C GLU B 362 -10.28 35.06 14.29
N LEU B 363 -10.19 34.70 13.02
CA LEU B 363 -11.34 34.73 12.12
C LEU B 363 -12.44 33.80 12.62
N VAL B 364 -12.06 32.59 13.00
CA VAL B 364 -13.01 31.64 13.56
C VAL B 364 -13.57 32.14 14.88
N TYR B 365 -12.66 32.63 15.73
CA TYR B 365 -13.03 33.11 17.06
C TYR B 365 -14.03 34.26 17.00
N ASN B 366 -13.72 35.26 16.18
CA ASN B 366 -14.58 36.42 16.04
C ASN B 366 -15.88 36.10 15.30
N GLY B 367 -15.88 35.02 14.54
CA GLY B 367 -17.06 34.59 13.80
C GLY B 367 -17.93 33.63 14.60
N ALA B 368 -17.46 33.26 15.80
CA ALA B 368 -18.18 32.34 16.67
C ALA B 368 -19.47 32.97 17.18
N LYS B 369 -20.54 32.19 17.20
CA LYS B 369 -21.86 32.69 17.56
C LYS B 369 -22.50 31.90 18.70
N MSE B 370 -23.19 32.60 19.60
CA MSE B 370 -23.96 31.97 20.66
C MSE B 370 -25.27 31.43 20.12
O MSE B 370 -25.99 32.12 19.39
CB MSE B 370 -24.24 32.96 21.79
CG MSE B 370 -23.01 33.36 22.60
SE MSE B 370 -22.13 31.83 23.40
CE MSE B 370 -23.65 31.09 24.39
N LEU B 371 -25.60 30.19 20.47
CA LEU B 371 -26.85 29.57 20.05
C LEU B 371 -27.78 29.41 21.25
N MSE B 372 -27.21 29.17 22.42
CA MSE B 372 -27.98 29.08 23.66
C MSE B 372 -27.25 29.75 24.81
O MSE B 372 -26.35 29.17 25.41
CB MSE B 372 -28.28 27.62 24.01
CG MSE B 372 -29.43 27.02 23.21
SE MSE B 372 -30.06 25.34 23.98
CE MSE B 372 -30.24 25.91 25.83
NA NA C . 2.90 -15.87 -4.20
NA NA D . -4.58 16.66 3.82
#